data_1NSM
#
_entry.id   1NSM
#
_cell.length_a   44.800
_cell.length_b   76.300
_cell.length_c   211.000
_cell.angle_alpha   90.00
_cell.angle_beta   90.00
_cell.angle_gamma   90.00
#
_symmetry.space_group_name_H-M   'P 21 21 21'
#
loop_
_entity.id
_entity.type
_entity.pdbx_description
1 polymer 'GALACTOSE MUTAROTASE'
2 non-polymer beta-D-galactopyranose
3 non-polymer alpha-D-galactopyranose
4 non-polymer 'SODIUM ION'
5 water water
#
_entity_poly.entity_id   1
_entity_poly.type   'polypeptide(L)'
_entity_poly.pdbx_seq_one_letter_code
;MSIKIRDFGLGSDLISLTNKAGVTISFTNLGARIVDWQKDGKHLILGFDSAKEYLEKDAYPGATVGPTAGRIKDGLVKIS
GKDYILNQNEGPQTLHGGEESIHTKLWTYEVTDLGAEVQVKFSLVSNDGTNGYPGKIEMSVTHSFDDDNKWKIHYEAISD
KDTVFNPTGHVYFNLNGDASESVENHGLRLAASRFVPLKDQTEIVRGDIVDIKNTDLDFRQEKQLSNAFNSNMEQVQLVK
GIAHPFLLDQLGLDKEQARLTLDDTSISVFTDQPSIVIFTANFGDLGTLYHEKKQVHHGGITFECQVSPGSEQIPELGDI
SLKAGEKYQATTIYSLHTKLEHHHHHH
;
_entity_poly.pdbx_strand_id   A,B
#
# COMPACT_ATOMS: atom_id res chain seq x y z
N SER A 2 -19.90 1.86 -21.04
CA SER A 2 -18.66 2.58 -21.22
C SER A 2 -17.84 2.64 -19.91
N ILE A 3 -16.49 2.72 -20.03
CA ILE A 3 -15.55 2.80 -18.89
C ILE A 3 -14.72 4.06 -18.96
N LYS A 4 -14.55 4.75 -17.85
CA LYS A 4 -13.73 5.93 -17.91
C LYS A 4 -12.83 5.92 -16.69
N ILE A 5 -11.57 6.20 -16.89
CA ILE A 5 -10.60 6.21 -15.80
C ILE A 5 -10.00 7.58 -15.67
N ARG A 6 -10.04 8.10 -14.47
CA ARG A 6 -9.45 9.41 -14.31
C ARG A 6 -8.74 9.59 -12.97
N ASP A 7 -7.91 10.62 -12.88
CA ASP A 7 -7.18 10.85 -11.68
C ASP A 7 -8.09 11.34 -10.56
N PHE A 8 -8.15 10.58 -9.47
CA PHE A 8 -8.98 10.97 -8.37
C PHE A 8 -8.29 11.77 -7.26
N GLY A 9 -6.99 12.08 -7.42
CA GLY A 9 -6.27 12.80 -6.37
C GLY A 9 -5.32 11.89 -5.56
N LEU A 10 -4.17 12.42 -5.19
CA LEU A 10 -3.14 11.69 -4.39
C LEU A 10 -2.61 10.45 -5.05
N GLY A 11 -2.77 10.36 -6.38
CA GLY A 11 -2.35 9.18 -7.06
C GLY A 11 -3.45 8.15 -7.20
N SER A 12 -4.62 8.35 -6.58
CA SER A 12 -5.66 7.36 -6.78
C SER A 12 -6.38 7.56 -8.09
N ASP A 13 -7.07 6.52 -8.54
CA ASP A 13 -7.87 6.60 -9.74
C ASP A 13 -9.35 6.51 -9.39
N LEU A 14 -10.14 7.04 -10.31
CA LEU A 14 -11.58 7.00 -10.32
C LEU A 14 -11.95 6.16 -11.52
N ILE A 15 -12.65 5.06 -11.30
CA ILE A 15 -13.01 4.21 -12.43
C ILE A 15 -14.53 4.29 -12.51
N SER A 16 -15.05 4.85 -13.58
CA SER A 16 -16.48 5.01 -13.79
C SER A 16 -17.06 4.11 -14.83
N LEU A 17 -18.08 3.38 -14.42
CA LEU A 17 -18.71 2.47 -15.36
C LEU A 17 -20.13 2.88 -15.65
N THR A 18 -20.48 2.92 -16.91
CA THR A 18 -21.83 3.24 -17.33
C THR A 18 -22.39 2.11 -18.12
N ASN A 19 -23.48 1.53 -17.67
CA ASN A 19 -24.07 0.39 -18.36
C ASN A 19 -25.01 0.79 -19.48
N LYS A 20 -25.57 -0.20 -20.13
CA LYS A 20 -26.49 0.04 -21.25
C LYS A 20 -27.67 0.92 -20.88
N ALA A 21 -28.06 0.83 -19.62
CA ALA A 21 -29.19 1.57 -19.09
C ALA A 21 -28.87 3.03 -18.81
N GLY A 22 -27.61 3.38 -18.89
CA GLY A 22 -27.30 4.76 -18.62
C GLY A 22 -26.96 5.02 -17.16
N VAL A 23 -27.01 3.98 -16.37
CA VAL A 23 -26.68 4.12 -14.95
C VAL A 23 -25.16 4.09 -14.80
N THR A 24 -24.68 4.99 -13.97
CA THR A 24 -23.24 5.12 -13.71
C THR A 24 -22.80 4.82 -12.26
N ILE A 25 -21.78 3.95 -12.14
CA ILE A 25 -21.23 3.58 -10.82
C ILE A 25 -19.75 3.91 -10.88
N SER A 26 -19.20 4.53 -9.83
CA SER A 26 -17.79 4.86 -9.83
C SER A 26 -17.02 4.26 -8.61
N PHE A 27 -15.77 3.78 -8.83
CA PHE A 27 -14.97 3.23 -7.73
C PHE A 27 -13.61 3.85 -7.70
N THR A 28 -13.01 3.81 -6.53
CA THR A 28 -11.65 4.27 -6.42
C THR A 28 -10.77 3.14 -5.82
N ASN A 29 -9.49 3.16 -6.16
CA ASN A 29 -8.54 2.16 -5.66
C ASN A 29 -8.10 2.50 -4.26
N LEU A 30 -8.45 3.72 -3.83
CA LEU A 30 -8.13 4.08 -2.52
C LEU A 30 -9.15 3.37 -1.65
N GLY A 31 -8.77 2.21 -1.13
CA GLY A 31 -9.72 1.51 -0.28
C GLY A 31 -10.70 0.63 -1.04
N ALA A 32 -10.41 0.30 -2.33
CA ALA A 32 -11.30 -0.56 -3.17
C ALA A 32 -12.75 -0.20 -2.88
N ARG A 33 -13.05 1.03 -3.16
CA ARG A 33 -14.30 1.54 -2.78
C ARG A 33 -15.18 2.14 -3.85
N ILE A 34 -16.45 2.12 -3.48
CA ILE A 34 -17.53 2.75 -4.27
C ILE A 34 -17.63 4.19 -3.88
N VAL A 35 -17.55 5.04 -4.90
CA VAL A 35 -17.59 6.47 -4.71
C VAL A 35 -18.95 7.08 -5.04
N ASP A 36 -19.59 6.61 -6.11
CA ASP A 36 -20.87 7.16 -6.51
C ASP A 36 -21.64 6.13 -7.22
N TRP A 37 -22.95 6.35 -7.28
CA TRP A 37 -23.88 5.47 -7.97
C TRP A 37 -25.03 6.38 -8.32
N GLN A 38 -25.22 6.58 -9.62
CA GLN A 38 -26.28 7.46 -10.01
C GLN A 38 -27.19 7.11 -11.18
N LYS A 39 -28.45 7.50 -11.03
CA LYS A 39 -29.51 7.32 -12.01
C LYS A 39 -30.19 8.64 -12.31
N ASP A 40 -30.30 8.94 -13.63
CA ASP A 40 -30.93 10.15 -14.12
C ASP A 40 -30.47 11.34 -13.37
N GLY A 41 -29.19 11.37 -13.09
CA GLY A 41 -28.59 12.51 -12.41
C GLY A 41 -28.69 12.57 -10.91
N LYS A 42 -29.17 11.53 -10.28
CA LYS A 42 -29.31 11.56 -8.84
C LYS A 42 -28.43 10.54 -8.18
N HIS A 43 -27.70 10.94 -7.16
CA HIS A 43 -26.86 10.01 -6.45
C HIS A 43 -27.71 9.10 -5.58
N LEU A 44 -27.41 7.83 -5.59
CA LEU A 44 -28.15 6.94 -4.72
C LEU A 44 -27.44 6.63 -3.39
N ILE A 45 -26.15 6.92 -3.38
CA ILE A 45 -25.26 6.66 -2.23
C ILE A 45 -24.52 7.92 -1.90
N LEU A 46 -23.89 7.92 -0.70
CA LEU A 46 -23.10 9.07 -0.23
C LEU A 46 -21.65 8.95 -0.73
N GLY A 47 -21.00 10.06 -1.05
CA GLY A 47 -19.66 9.96 -1.52
C GLY A 47 -19.05 11.32 -1.67
N PHE A 48 -17.71 11.40 -1.77
CA PHE A 48 -16.97 12.66 -1.88
C PHE A 48 -16.51 12.94 -3.30
N ASP A 49 -15.88 14.06 -3.48
CA ASP A 49 -15.50 14.34 -4.85
C ASP A 49 -14.03 14.17 -5.19
N SER A 50 -13.22 13.76 -4.19
CA SER A 50 -11.78 13.52 -4.38
C SER A 50 -11.25 12.71 -3.24
N ALA A 51 -10.04 12.15 -3.48
CA ALA A 51 -9.38 11.32 -2.49
C ALA A 51 -9.19 12.05 -1.16
N LYS A 52 -8.64 13.26 -1.26
CA LYS A 52 -8.39 14.04 -0.05
C LYS A 52 -9.58 14.07 0.88
N GLU A 53 -10.75 14.22 0.32
CA GLU A 53 -11.94 14.33 1.14
C GLU A 53 -12.15 13.16 2.04
N TYR A 54 -11.98 12.00 1.44
CA TYR A 54 -12.19 10.87 2.24
C TYR A 54 -11.19 10.80 3.38
N LEU A 55 -9.96 11.17 3.07
CA LEU A 55 -8.90 11.12 4.07
C LEU A 55 -9.12 12.16 5.11
N GLU A 56 -9.51 13.31 4.68
CA GLU A 56 -9.76 14.38 5.62
C GLU A 56 -11.11 14.30 6.39
N LYS A 57 -12.18 13.87 5.70
CA LYS A 57 -13.50 13.85 6.33
C LYS A 57 -13.96 12.55 6.94
N ASP A 58 -14.00 11.53 6.14
CA ASP A 58 -14.41 10.29 6.71
C ASP A 58 -13.94 9.25 5.76
N ALA A 59 -13.03 8.41 6.25
CA ALA A 59 -12.44 7.39 5.42
C ALA A 59 -13.25 6.15 5.21
N TYR A 60 -14.36 6.02 5.94
CA TYR A 60 -15.10 4.77 5.71
C TYR A 60 -16.12 4.65 4.59
N PRO A 61 -16.82 5.76 4.27
CA PRO A 61 -17.89 5.73 3.25
C PRO A 61 -17.55 4.96 1.98
N GLY A 62 -18.28 3.89 1.68
CA GLY A 62 -17.98 3.16 0.40
C GLY A 62 -16.77 2.18 0.38
N ALA A 63 -16.00 2.20 1.42
CA ALA A 63 -14.77 1.42 1.55
C ALA A 63 -14.95 -0.04 1.84
N THR A 64 -13.93 -0.80 1.45
CA THR A 64 -13.82 -2.19 1.79
C THR A 64 -13.14 -2.07 3.14
N VAL A 65 -13.71 -2.62 4.25
CA VAL A 65 -13.09 -2.51 5.58
C VAL A 65 -12.75 -3.92 6.04
N GLY A 66 -11.66 -4.02 6.79
CA GLY A 66 -11.16 -5.30 7.24
C GLY A 66 -9.75 -5.11 7.75
N PRO A 67 -9.04 -6.24 8.01
CA PRO A 67 -9.49 -7.62 7.74
C PRO A 67 -10.71 -8.12 8.42
N THR A 68 -11.01 -7.48 9.58
CA THR A 68 -12.18 -7.89 10.33
C THR A 68 -13.07 -6.69 10.43
N ALA A 69 -14.31 -6.78 9.99
CA ALA A 69 -15.16 -5.60 10.06
C ALA A 69 -15.88 -5.46 11.40
N GLY A 70 -15.93 -4.25 11.90
CA GLY A 70 -16.64 -4.12 13.16
C GLY A 70 -15.70 -3.95 14.32
N ARG A 71 -16.28 -3.99 15.53
CA ARG A 71 -15.49 -3.85 16.74
C ARG A 71 -15.16 -5.17 17.42
N ILE A 72 -13.86 -5.28 17.79
CA ILE A 72 -13.39 -6.44 18.57
C ILE A 72 -13.03 -5.95 19.99
N LYS A 73 -13.76 -6.46 21.00
CA LYS A 73 -13.54 -6.06 22.34
C LYS A 73 -12.10 -6.22 22.81
N ASP A 74 -11.53 -5.14 23.34
CA ASP A 74 -10.15 -5.18 23.83
C ASP A 74 -9.07 -5.52 22.77
N GLY A 75 -9.42 -5.47 21.50
CA GLY A 75 -8.50 -5.81 20.42
C GLY A 75 -8.04 -7.24 20.53
N LEU A 76 -8.74 -8.09 21.25
CA LEU A 76 -8.39 -9.49 21.49
C LEU A 76 -9.05 -10.66 20.75
N VAL A 77 -8.26 -11.42 20.00
CA VAL A 77 -8.80 -12.61 19.33
C VAL A 77 -7.98 -13.80 19.76
N LYS A 78 -8.51 -15.00 19.61
CA LYS A 78 -7.72 -16.14 20.00
C LYS A 78 -7.48 -16.90 18.72
N ILE A 79 -6.26 -17.28 18.39
CA ILE A 79 -6.06 -18.01 17.15
C ILE A 79 -5.34 -19.24 17.54
N SER A 80 -5.89 -20.41 17.18
CA SER A 80 -5.32 -21.70 17.52
C SER A 80 -4.89 -21.77 18.99
N GLY A 81 -5.81 -21.38 19.86
CA GLY A 81 -5.61 -21.36 21.30
C GLY A 81 -4.78 -20.22 21.83
N LYS A 82 -4.28 -19.37 20.96
CA LYS A 82 -3.48 -18.28 21.45
C LYS A 82 -4.14 -16.93 21.30
N ASP A 83 -3.94 -16.08 22.30
CA ASP A 83 -4.47 -14.76 22.29
C ASP A 83 -3.56 -13.86 21.52
N TYR A 84 -4.19 -13.01 20.72
CA TYR A 84 -3.44 -12.02 19.95
C TYR A 84 -4.10 -10.67 20.17
N ILE A 85 -3.31 -9.59 20.38
CA ILE A 85 -3.85 -8.26 20.56
C ILE A 85 -3.62 -7.48 19.27
N LEU A 86 -4.72 -7.04 18.67
CA LEU A 86 -4.74 -6.30 17.43
C LEU A 86 -4.57 -4.83 17.73
N ASN A 87 -4.24 -4.04 16.70
CA ASN A 87 -4.13 -2.61 16.89
C ASN A 87 -5.42 -2.08 17.53
N GLN A 88 -5.30 -1.15 18.51
CA GLN A 88 -6.47 -0.68 19.17
C GLN A 88 -6.74 0.74 18.72
N ASN A 89 -7.84 1.02 18.07
CA ASN A 89 -7.99 2.37 17.58
C ASN A 89 -9.27 3.07 17.99
N GLU A 90 -10.02 2.51 18.93
CA GLU A 90 -11.20 3.19 19.36
C GLU A 90 -11.31 2.73 20.77
N GLY A 91 -10.58 3.42 21.63
CA GLY A 91 -10.50 2.98 23.02
C GLY A 91 -9.68 1.68 22.93
N PRO A 92 -10.02 0.66 23.73
CA PRO A 92 -9.34 -0.61 23.71
C PRO A 92 -9.88 -1.47 22.62
N GLN A 93 -10.81 -0.93 21.83
CA GLN A 93 -11.34 -1.80 20.82
C GLN A 93 -10.59 -1.69 19.53
N THR A 94 -10.59 -2.76 18.80
CA THR A 94 -10.00 -2.72 17.46
C THR A 94 -11.23 -2.54 16.54
N LEU A 95 -11.37 -1.38 15.87
CA LEU A 95 -12.53 -1.10 15.00
C LEU A 95 -12.14 -1.19 13.53
N HIS A 96 -12.81 -2.01 12.74
CA HIS A 96 -12.47 -2.13 11.28
C HIS A 96 -10.99 -2.36 10.95
N GLY A 97 -10.36 -3.31 11.66
CA GLY A 97 -8.97 -3.65 11.40
C GLY A 97 -7.91 -2.80 12.04
N GLY A 98 -8.28 -1.79 12.83
CA GLY A 98 -7.25 -0.95 13.45
C GLY A 98 -6.90 0.27 12.60
N GLU A 99 -6.00 1.06 13.07
CA GLU A 99 -5.69 2.29 12.39
C GLU A 99 -5.02 2.10 11.06
N GLU A 100 -5.24 3.08 10.17
CA GLU A 100 -4.56 3.09 8.91
C GLU A 100 -4.68 1.74 8.25
N SER A 101 -5.85 1.21 8.39
CA SER A 101 -6.18 -0.09 7.81
C SER A 101 -6.38 -0.10 6.30
N ILE A 102 -6.83 -1.24 5.78
CA ILE A 102 -6.97 -1.39 4.35
C ILE A 102 -7.81 -0.39 3.61
N HIS A 103 -8.66 0.35 4.28
CA HIS A 103 -9.47 1.29 3.53
C HIS A 103 -8.74 2.57 3.21
N THR A 104 -7.54 2.68 3.70
CA THR A 104 -6.68 3.87 3.51
C THR A 104 -5.50 3.62 2.57
N LYS A 105 -5.41 2.43 2.03
CA LYS A 105 -4.34 2.03 1.13
C LYS A 105 -4.83 2.08 -0.30
N LEU A 106 -3.84 2.20 -1.22
CA LEU A 106 -4.08 2.26 -2.59
C LEU A 106 -3.90 0.85 -3.03
N TRP A 107 -4.97 0.29 -3.50
CA TRP A 107 -4.94 -1.06 -3.95
C TRP A 107 -4.54 -1.09 -5.40
N THR A 108 -4.03 -2.24 -5.87
CA THR A 108 -3.76 -2.26 -7.30
C THR A 108 -5.08 -2.79 -7.91
N TYR A 109 -5.28 -2.58 -9.20
CA TYR A 109 -6.48 -3.10 -9.88
C TYR A 109 -6.29 -3.29 -11.36
N GLU A 110 -7.19 -4.11 -11.86
CA GLU A 110 -7.33 -4.44 -13.26
C GLU A 110 -8.80 -4.44 -13.56
N VAL A 111 -9.10 -3.91 -14.72
CA VAL A 111 -10.46 -3.80 -15.25
C VAL A 111 -10.67 -4.89 -16.26
N THR A 112 -11.82 -5.52 -16.19
CA THR A 112 -12.14 -6.58 -17.16
C THR A 112 -13.52 -6.26 -17.79
N ASP A 113 -13.53 -6.04 -19.10
CA ASP A 113 -14.78 -5.70 -19.79
C ASP A 113 -15.40 -6.91 -20.39
N LEU A 114 -16.51 -7.31 -19.80
CA LEU A 114 -17.23 -8.47 -20.28
C LEU A 114 -18.42 -8.17 -21.18
N GLY A 115 -18.67 -6.91 -21.45
CA GLY A 115 -19.78 -6.58 -22.32
C GLY A 115 -20.97 -6.16 -21.51
N ALA A 116 -21.84 -7.12 -21.21
CA ALA A 116 -22.99 -6.78 -20.37
C ALA A 116 -22.58 -6.48 -18.95
N GLU A 117 -21.40 -7.01 -18.63
CA GLU A 117 -20.75 -6.89 -17.32
C GLU A 117 -19.29 -6.41 -17.34
N VAL A 118 -18.98 -5.48 -16.44
CA VAL A 118 -17.61 -4.99 -16.28
C VAL A 118 -17.10 -5.27 -14.90
N GLN A 119 -15.90 -5.85 -14.81
CA GLN A 119 -15.34 -6.12 -13.52
C GLN A 119 -14.10 -5.29 -13.24
N VAL A 120 -13.99 -4.85 -12.01
CA VAL A 120 -12.84 -4.11 -11.51
C VAL A 120 -12.33 -4.95 -10.33
N LYS A 121 -11.17 -5.63 -10.46
CA LYS A 121 -10.51 -6.47 -9.45
C LYS A 121 -9.37 -5.71 -8.75
N PHE A 122 -9.60 -5.41 -7.48
CA PHE A 122 -8.63 -4.71 -6.66
C PHE A 122 -7.88 -5.74 -5.84
N SER A 123 -6.57 -5.52 -5.70
CA SER A 123 -5.72 -6.45 -4.96
C SER A 123 -4.86 -5.78 -3.95
N LEU A 124 -4.68 -6.44 -2.80
CA LEU A 124 -3.84 -5.86 -1.76
C LEU A 124 -3.28 -7.01 -0.96
N VAL A 125 -2.01 -6.86 -0.58
CA VAL A 125 -1.37 -7.87 0.30
C VAL A 125 -1.26 -7.28 1.69
N SER A 126 -1.80 -7.99 2.67
CA SER A 126 -1.65 -7.48 4.03
C SER A 126 -0.49 -8.33 4.62
N ASN A 127 0.64 -7.65 4.93
CA ASN A 127 1.84 -8.27 5.47
C ASN A 127 1.61 -9.00 6.75
N ASP A 128 2.34 -10.10 6.90
CA ASP A 128 2.21 -10.79 8.18
C ASP A 128 2.54 -9.81 9.31
N GLY A 129 1.68 -9.81 10.33
CA GLY A 129 1.86 -8.97 11.50
C GLY A 129 1.29 -7.59 11.40
N THR A 130 0.80 -7.21 10.22
CA THR A 130 0.20 -5.89 10.02
C THR A 130 -0.94 -5.62 11.01
N ASN A 131 -0.74 -4.65 11.88
CA ASN A 131 -1.76 -4.30 12.89
C ASN A 131 -2.09 -5.48 13.80
N GLY A 132 -1.13 -6.41 13.89
CA GLY A 132 -1.24 -7.52 14.77
C GLY A 132 -1.81 -8.72 14.14
N TYR A 133 -2.22 -8.58 12.90
CA TYR A 133 -2.82 -9.76 12.25
C TYR A 133 -1.81 -10.74 11.63
N PRO A 134 -1.92 -12.02 11.92
CA PRO A 134 -1.00 -13.00 11.31
C PRO A 134 -1.30 -13.07 9.82
N GLY A 135 -0.27 -13.19 8.99
CA GLY A 135 -0.44 -13.22 7.53
C GLY A 135 0.69 -13.98 6.92
N LYS A 136 1.09 -13.67 5.69
CA LYS A 136 0.46 -12.65 4.94
C LYS A 136 -0.84 -13.13 4.37
N ILE A 137 -1.67 -12.14 4.08
CA ILE A 137 -3.00 -12.36 3.52
C ILE A 137 -3.09 -11.70 2.15
N GLU A 138 -3.23 -12.48 1.12
CA GLU A 138 -3.39 -11.86 -0.16
C GLU A 138 -4.89 -11.67 -0.34
N MET A 139 -5.34 -10.43 -0.57
CA MET A 139 -6.80 -10.16 -0.71
C MET A 139 -7.17 -9.54 -2.02
N SER A 140 -8.40 -9.83 -2.47
CA SER A 140 -8.87 -9.19 -3.66
C SER A 140 -10.34 -9.01 -3.45
N VAL A 141 -10.78 -7.92 -4.02
CA VAL A 141 -12.17 -7.54 -3.97
C VAL A 141 -12.54 -7.15 -5.36
N THR A 142 -13.44 -7.88 -5.95
CA THR A 142 -13.88 -7.53 -7.30
C THR A 142 -15.25 -6.86 -7.23
N HIS A 143 -15.34 -5.63 -7.71
CA HIS A 143 -16.63 -4.97 -7.72
C HIS A 143 -17.06 -5.04 -9.18
N SER A 144 -18.26 -5.52 -9.47
CA SER A 144 -18.68 -5.55 -10.85
C SER A 144 -20.02 -4.85 -11.00
N PHE A 145 -20.30 -4.39 -12.24
CA PHE A 145 -21.55 -3.71 -12.61
C PHE A 145 -22.07 -4.24 -13.90
N ASP A 146 -23.38 -4.51 -13.95
CA ASP A 146 -23.88 -5.05 -15.18
C ASP A 146 -25.05 -4.30 -15.78
N ASP A 147 -25.40 -4.72 -16.97
CA ASP A 147 -26.52 -4.11 -17.62
C ASP A 147 -27.84 -4.33 -16.88
N ASP A 148 -27.89 -5.18 -15.85
CA ASP A 148 -29.16 -5.36 -15.18
C ASP A 148 -29.21 -4.55 -13.94
N ASN A 149 -28.26 -3.63 -13.81
CA ASN A 149 -28.20 -2.79 -12.64
C ASN A 149 -27.75 -3.47 -11.37
N LYS A 150 -27.08 -4.62 -11.53
CA LYS A 150 -26.58 -5.35 -10.37
C LYS A 150 -25.13 -4.99 -10.07
N TRP A 151 -24.93 -4.41 -8.89
CA TRP A 151 -23.59 -4.12 -8.41
C TRP A 151 -23.22 -5.24 -7.43
N LYS A 152 -22.23 -5.99 -7.82
CA LYS A 152 -21.82 -7.12 -7.00
C LYS A 152 -20.36 -7.00 -6.46
N ILE A 153 -20.13 -7.46 -5.23
CA ILE A 153 -18.83 -7.44 -4.56
C ILE A 153 -18.47 -8.89 -4.22
N HIS A 154 -17.34 -9.30 -4.76
CA HIS A 154 -16.86 -10.60 -4.52
C HIS A 154 -15.48 -10.51 -3.90
N TYR A 155 -15.39 -11.05 -2.69
CA TYR A 155 -14.17 -11.06 -1.94
C TYR A 155 -13.52 -12.40 -1.99
N GLU A 156 -12.20 -12.36 -2.04
CA GLU A 156 -11.41 -13.57 -1.98
C GLU A 156 -10.14 -13.31 -1.15
N ALA A 157 -9.71 -14.33 -0.38
CA ALA A 157 -8.46 -14.23 0.41
C ALA A 157 -7.80 -15.59 0.72
N ILE A 158 -6.46 -15.58 0.84
CA ILE A 158 -5.62 -16.72 1.23
C ILE A 158 -4.52 -16.19 2.11
N SER A 159 -4.33 -16.86 3.22
CA SER A 159 -3.33 -16.44 4.18
C SER A 159 -2.30 -17.51 4.38
N ASP A 160 -1.09 -17.07 4.63
CA ASP A 160 0.02 -17.98 4.89
C ASP A 160 -0.09 -18.59 6.31
N LYS A 161 -0.87 -17.97 7.21
CA LYS A 161 -0.96 -18.50 8.55
C LYS A 161 -2.36 -18.42 9.02
N ASP A 162 -2.67 -19.17 10.07
CA ASP A 162 -4.02 -19.14 10.59
C ASP A 162 -4.28 -17.72 11.05
N THR A 163 -5.43 -17.15 10.67
CA THR A 163 -5.69 -15.76 11.09
C THR A 163 -7.20 -15.56 11.23
N VAL A 164 -7.66 -14.33 11.17
CA VAL A 164 -9.09 -14.02 11.23
C VAL A 164 -9.44 -13.21 10.02
N PHE A 165 -10.61 -13.40 9.44
CA PHE A 165 -10.93 -12.62 8.26
C PHE A 165 -12.43 -12.49 8.11
N ASN A 166 -12.90 -11.24 8.01
CA ASN A 166 -14.34 -10.94 7.89
C ASN A 166 -14.60 -9.52 7.48
N PRO A 167 -14.24 -9.21 6.25
CA PRO A 167 -14.39 -7.87 5.74
C PRO A 167 -15.84 -7.53 5.32
N THR A 168 -16.09 -6.24 5.03
CA THR A 168 -17.39 -5.78 4.59
C THR A 168 -17.24 -4.56 3.73
N GLY A 169 -18.35 -4.18 3.08
CA GLY A 169 -18.42 -3.00 2.21
C GLY A 169 -19.20 -1.98 3.05
N HIS A 170 -18.69 -0.78 3.14
CA HIS A 170 -19.30 0.22 3.96
C HIS A 170 -20.04 1.32 3.18
N VAL A 171 -20.72 0.95 2.10
CA VAL A 171 -21.49 1.95 1.34
C VAL A 171 -22.64 2.44 2.22
N TYR A 172 -22.95 3.74 2.12
CA TYR A 172 -24.07 4.39 2.77
C TYR A 172 -25.07 4.77 1.65
N PHE A 173 -26.29 4.29 1.78
CA PHE A 173 -27.32 4.65 0.82
C PHE A 173 -28.12 5.84 1.29
N ASN A 174 -28.64 6.61 0.35
CA ASN A 174 -29.50 7.74 0.62
C ASN A 174 -30.20 8.05 -0.65
N LEU A 175 -31.38 7.48 -0.75
CA LEU A 175 -32.21 7.57 -1.93
C LEU A 175 -32.74 8.97 -2.16
N ASN A 176 -32.55 9.88 -1.19
CA ASN A 176 -32.97 11.25 -1.35
C ASN A 176 -31.99 11.93 -2.26
N GLY A 177 -30.81 11.32 -2.41
CA GLY A 177 -29.79 11.91 -3.25
C GLY A 177 -29.23 13.16 -2.62
N ASP A 178 -29.36 13.30 -1.32
CA ASP A 178 -28.83 14.52 -0.73
C ASP A 178 -28.61 14.21 0.73
N ALA A 179 -27.41 14.47 1.25
CA ALA A 179 -27.07 14.16 2.65
C ALA A 179 -27.80 14.98 3.70
N SER A 180 -28.28 16.15 3.29
CA SER A 180 -28.95 16.99 4.23
C SER A 180 -30.36 16.49 4.47
N GLU A 181 -30.69 15.32 3.89
CA GLU A 181 -32.00 14.73 4.04
C GLU A 181 -32.12 13.34 4.70
N SER A 182 -32.66 13.32 5.94
CA SER A 182 -32.87 12.08 6.64
C SER A 182 -33.48 10.95 5.81
N VAL A 183 -33.06 9.73 6.08
CA VAL A 183 -33.61 8.61 5.36
C VAL A 183 -34.84 8.04 6.05
N GLU A 184 -35.34 8.73 7.06
CA GLU A 184 -36.54 8.26 7.80
C GLU A 184 -37.75 8.07 6.91
N ASN A 185 -37.69 8.68 5.73
CA ASN A 185 -38.74 8.56 4.76
C ASN A 185 -38.60 7.31 3.93
N HIS A 186 -37.48 6.59 4.04
CA HIS A 186 -37.42 5.38 3.24
C HIS A 186 -38.06 4.27 4.02
N GLY A 187 -38.39 3.24 3.30
CA GLY A 187 -38.99 2.09 3.87
C GLY A 187 -37.98 0.96 3.74
N LEU A 188 -38.01 0.09 4.76
CA LEU A 188 -37.12 -1.03 4.82
C LEU A 188 -37.81 -2.32 5.10
N ARG A 189 -37.37 -3.34 4.42
CA ARG A 189 -37.85 -4.68 4.63
C ARG A 189 -36.61 -5.49 4.92
N LEU A 190 -36.62 -6.29 5.95
CA LEU A 190 -35.44 -7.07 6.32
C LEU A 190 -35.85 -8.43 6.86
N ALA A 191 -35.34 -9.50 6.23
CA ALA A 191 -35.63 -10.89 6.59
C ALA A 191 -34.81 -11.45 7.77
N ALA A 192 -35.01 -10.82 8.94
CA ALA A 192 -34.34 -11.14 10.20
C ALA A 192 -35.28 -10.98 11.40
N SER A 193 -35.34 -12.01 12.21
CA SER A 193 -36.21 -11.91 13.38
C SER A 193 -35.43 -11.69 14.64
N ARG A 194 -34.06 -11.62 14.57
CA ARG A 194 -33.21 -11.43 15.77
C ARG A 194 -32.14 -10.42 15.51
N PHE A 195 -31.65 -9.91 16.61
CA PHE A 195 -30.58 -8.96 16.57
C PHE A 195 -29.71 -9.12 17.81
N VAL A 196 -28.57 -8.42 17.74
CA VAL A 196 -27.54 -8.40 18.74
C VAL A 196 -27.50 -7.04 19.37
N PRO A 197 -27.95 -7.00 20.61
CA PRO A 197 -27.98 -5.78 21.37
C PRO A 197 -26.58 -5.33 21.76
N LEU A 198 -26.39 -4.03 21.96
CA LEU A 198 -25.09 -3.51 22.35
C LEU A 198 -24.98 -3.32 23.85
N LYS A 199 -23.82 -3.56 24.41
CA LYS A 199 -23.70 -3.40 25.82
C LYS A 199 -23.91 -1.97 26.26
N ASP A 200 -23.27 -1.05 25.58
CA ASP A 200 -23.36 0.33 25.95
C ASP A 200 -22.77 1.17 24.87
N GLN A 201 -22.50 2.41 25.25
CA GLN A 201 -21.96 3.41 24.35
C GLN A 201 -20.64 3.07 23.64
N THR A 202 -19.94 2.05 24.15
CA THR A 202 -18.69 1.62 23.54
C THR A 202 -19.02 0.78 22.33
N GLU A 203 -20.26 0.35 22.28
CA GLU A 203 -20.75 -0.39 21.18
C GLU A 203 -20.26 -1.78 21.04
N ILE A 204 -19.74 -2.36 22.13
CA ILE A 204 -19.32 -3.74 22.02
C ILE A 204 -20.62 -4.49 22.27
N VAL A 205 -20.71 -5.77 21.90
CA VAL A 205 -21.91 -6.51 22.11
C VAL A 205 -22.23 -6.74 23.58
N ARG A 206 -23.50 -6.80 23.88
CA ARG A 206 -23.92 -7.00 25.24
C ARG A 206 -23.68 -8.43 25.70
N GLY A 207 -23.88 -9.39 24.83
CA GLY A 207 -23.61 -10.76 25.25
C GLY A 207 -24.68 -11.74 24.80
N ASP A 208 -25.88 -11.20 24.53
CA ASP A 208 -27.04 -11.98 24.13
C ASP A 208 -27.58 -11.74 22.73
N ILE A 209 -28.47 -12.64 22.38
CA ILE A 209 -29.17 -12.59 21.12
C ILE A 209 -30.63 -12.41 21.45
N VAL A 210 -31.23 -11.37 20.88
CA VAL A 210 -32.60 -11.00 21.14
C VAL A 210 -33.61 -11.10 20.01
N ASP A 211 -34.75 -11.62 20.36
CA ASP A 211 -35.85 -11.76 19.44
C ASP A 211 -36.55 -10.42 19.24
N ILE A 212 -36.59 -10.00 17.94
CA ILE A 212 -37.15 -8.73 17.51
C ILE A 212 -38.57 -8.82 16.98
N LYS A 213 -39.07 -10.02 16.82
CA LYS A 213 -40.41 -10.16 16.31
C LYS A 213 -41.37 -9.27 17.10
N ASN A 214 -42.20 -8.55 16.34
CA ASN A 214 -43.21 -7.67 16.88
C ASN A 214 -42.72 -6.47 17.72
N THR A 215 -41.56 -5.94 17.35
CA THR A 215 -40.99 -4.81 18.04
C THR A 215 -40.77 -3.73 17.01
N ASP A 216 -40.32 -2.56 17.43
CA ASP A 216 -40.11 -1.49 16.47
C ASP A 216 -39.00 -1.81 15.47
N LEU A 217 -38.32 -2.94 15.69
CA LEU A 217 -37.22 -3.35 14.84
C LEU A 217 -37.56 -4.54 13.95
N ASP A 218 -38.83 -4.89 13.88
CA ASP A 218 -39.19 -5.98 13.03
C ASP A 218 -39.47 -5.41 11.65
N PHE A 219 -38.61 -5.59 10.66
CA PHE A 219 -38.83 -5.03 9.35
C PHE A 219 -39.15 -6.13 8.45
N ARG A 220 -39.59 -7.21 9.09
CA ARG A 220 -39.93 -8.35 8.29
C ARG A 220 -40.95 -8.01 7.21
N GLN A 221 -41.77 -7.02 7.55
CA GLN A 221 -42.82 -6.49 6.70
C GLN A 221 -42.36 -5.11 6.40
N GLU A 222 -42.22 -4.81 5.13
CA GLU A 222 -41.73 -3.47 4.83
C GLU A 222 -42.33 -2.46 5.76
N LYS A 223 -41.52 -1.53 6.17
CA LYS A 223 -41.97 -0.49 7.05
C LYS A 223 -41.10 0.76 6.96
N GLN A 224 -41.66 1.91 7.28
CA GLN A 224 -40.90 3.12 7.21
C GLN A 224 -39.93 3.27 8.35
N LEU A 225 -38.79 3.86 8.03
CA LEU A 225 -37.70 4.08 8.95
C LEU A 225 -38.01 4.92 10.14
N SER A 226 -38.87 5.88 9.92
CA SER A 226 -39.23 6.75 11.04
C SER A 226 -39.77 5.94 12.21
N ASN A 227 -40.33 4.81 11.93
CA ASN A 227 -40.85 4.01 13.02
C ASN A 227 -39.80 3.63 14.02
N ALA A 228 -38.74 3.06 13.46
CA ALA A 228 -37.64 2.64 14.29
C ALA A 228 -37.04 3.86 14.93
N PHE A 229 -36.96 4.88 14.10
CA PHE A 229 -36.38 6.12 14.56
C PHE A 229 -37.10 6.74 15.71
N ASN A 230 -38.41 6.59 15.80
CA ASN A 230 -39.14 7.23 16.90
C ASN A 230 -39.50 6.23 17.99
N SER A 231 -38.78 5.12 18.01
CA SER A 231 -39.03 4.09 19.01
C SER A 231 -38.42 4.49 20.34
N ASN A 232 -38.95 3.96 21.40
CA ASN A 232 -38.46 4.19 22.77
C ASN A 232 -37.65 2.98 23.30
N MET A 233 -37.50 1.95 22.46
CA MET A 233 -36.69 0.81 22.80
C MET A 233 -35.34 1.31 23.28
N GLU A 234 -34.89 0.80 24.43
CA GLU A 234 -33.62 1.27 24.96
C GLU A 234 -32.49 1.15 23.93
N GLN A 235 -32.50 0.07 23.14
CA GLN A 235 -31.45 -0.13 22.16
C GLN A 235 -31.35 1.00 21.14
N VAL A 236 -32.52 1.50 20.71
CA VAL A 236 -32.62 2.60 19.71
C VAL A 236 -32.18 3.90 20.34
N GLN A 237 -32.71 4.06 21.54
CA GLN A 237 -32.36 5.24 22.28
C GLN A 237 -30.87 5.27 22.60
N LEU A 238 -30.29 4.06 22.77
CA LEU A 238 -28.88 3.94 23.11
C LEU A 238 -27.92 4.57 22.08
N VAL A 239 -28.15 4.19 20.83
CA VAL A 239 -27.31 4.68 19.74
C VAL A 239 -27.91 5.85 19.01
N LYS A 240 -29.18 6.14 19.32
CA LYS A 240 -29.90 7.23 18.68
C LYS A 240 -30.22 6.86 17.26
N GLY A 241 -30.66 5.65 17.08
CA GLY A 241 -30.98 5.22 15.74
C GLY A 241 -30.75 3.74 15.67
N ILE A 242 -30.21 3.26 14.54
CA ILE A 242 -29.88 1.86 14.39
C ILE A 242 -28.37 1.79 14.13
N ALA A 243 -27.72 0.79 14.78
CA ALA A 243 -26.29 0.53 14.67
C ALA A 243 -26.05 -0.84 15.26
N HIS A 244 -26.69 -1.88 14.65
CA HIS A 244 -26.73 -3.22 15.14
C HIS A 244 -26.71 -4.26 14.07
N PRO A 245 -26.28 -5.47 14.47
CA PRO A 245 -26.26 -6.62 13.58
C PRO A 245 -27.62 -7.31 13.72
N PHE A 246 -28.14 -7.73 12.59
CA PHE A 246 -29.40 -8.40 12.48
C PHE A 246 -29.06 -9.77 11.98
N LEU A 247 -29.58 -10.84 12.59
CA LEU A 247 -29.25 -12.15 12.07
C LEU A 247 -30.28 -12.56 11.03
N LEU A 248 -29.89 -12.90 9.83
CA LEU A 248 -30.81 -13.26 8.82
C LEU A 248 -31.46 -14.60 9.13
N ASP A 249 -32.76 -14.72 8.81
CA ASP A 249 -33.47 -15.97 9.09
C ASP A 249 -33.10 -17.14 8.20
N GLN A 250 -32.84 -16.80 6.96
CA GLN A 250 -32.49 -17.77 5.95
C GLN A 250 -31.24 -17.33 5.17
N LEU A 251 -30.26 -18.20 5.18
CA LEU A 251 -29.02 -17.95 4.51
C LEU A 251 -29.00 -18.39 3.07
N GLY A 252 -28.28 -17.67 2.22
CA GLY A 252 -28.25 -18.08 0.82
C GLY A 252 -28.29 -16.87 -0.02
N LEU A 253 -27.50 -16.89 -1.11
CA LEU A 253 -27.36 -15.76 -2.03
C LEU A 253 -28.57 -15.50 -2.93
N ASP A 254 -29.46 -16.45 -3.05
CA ASP A 254 -30.62 -16.28 -3.91
C ASP A 254 -31.77 -15.51 -3.28
N LYS A 255 -31.80 -15.44 -1.98
CA LYS A 255 -32.84 -14.78 -1.24
C LYS A 255 -32.65 -13.30 -1.10
N GLU A 256 -33.67 -12.50 -1.39
CA GLU A 256 -33.53 -11.07 -1.22
C GLU A 256 -33.62 -10.89 0.28
N GLN A 257 -32.50 -10.47 0.84
CA GLN A 257 -32.40 -10.35 2.29
C GLN A 257 -32.95 -9.07 2.86
N ALA A 258 -32.85 -8.07 2.03
CA ALA A 258 -33.34 -6.80 2.43
C ALA A 258 -33.73 -5.93 1.26
N ARG A 259 -34.57 -4.95 1.57
CA ARG A 259 -34.98 -4.03 0.55
C ARG A 259 -35.15 -2.65 1.12
N LEU A 260 -34.60 -1.68 0.44
CA LEU A 260 -34.68 -0.30 0.84
C LEU A 260 -35.41 0.43 -0.28
N THR A 261 -36.58 1.05 0.04
CA THR A 261 -37.36 1.73 -0.98
C THR A 261 -37.73 3.16 -0.71
N LEU A 262 -37.70 3.98 -1.77
CA LEU A 262 -38.13 5.36 -1.73
C LEU A 262 -38.88 5.61 -3.01
N ASP A 263 -40.21 5.74 -2.94
CA ASP A 263 -40.95 5.98 -4.17
C ASP A 263 -40.76 4.85 -5.13
N ASP A 264 -40.52 5.16 -6.40
CA ASP A 264 -40.34 4.18 -7.47
C ASP A 264 -38.99 3.48 -7.51
N THR A 265 -38.11 3.92 -6.60
CA THR A 265 -36.75 3.43 -6.52
C THR A 265 -36.46 2.48 -5.36
N SER A 266 -35.99 1.28 -5.70
CA SER A 266 -35.66 0.29 -4.68
C SER A 266 -34.29 -0.46 -4.87
N ILE A 267 -33.62 -0.68 -3.70
CA ILE A 267 -32.33 -1.39 -3.63
C ILE A 267 -32.61 -2.66 -2.90
N SER A 268 -32.26 -3.77 -3.54
CA SER A 268 -32.39 -5.10 -3.01
C SER A 268 -31.01 -5.61 -2.60
N VAL A 269 -30.94 -6.18 -1.40
CA VAL A 269 -29.67 -6.71 -0.89
C VAL A 269 -29.67 -8.22 -0.90
N PHE A 270 -28.66 -8.81 -1.52
CA PHE A 270 -28.45 -10.28 -1.54
C PHE A 270 -27.03 -10.56 -0.96
N THR A 271 -26.86 -11.63 -0.17
CA THR A 271 -25.53 -11.94 0.37
C THR A 271 -25.37 -13.38 0.77
N ASP A 272 -24.14 -13.82 0.95
CA ASP A 272 -24.04 -15.21 1.39
C ASP A 272 -23.62 -15.21 2.83
N GLN A 273 -23.63 -14.00 3.38
CA GLN A 273 -23.27 -13.80 4.77
C GLN A 273 -24.48 -13.98 5.65
N PRO A 274 -24.21 -14.31 6.89
CA PRO A 274 -25.28 -14.55 7.86
C PRO A 274 -25.80 -13.33 8.55
N SER A 275 -25.15 -12.20 8.34
CA SER A 275 -25.73 -11.13 9.08
C SER A 275 -25.59 -9.83 8.35
N ILE A 276 -26.43 -8.86 8.75
CA ILE A 276 -26.36 -7.54 8.17
C ILE A 276 -26.33 -6.56 9.32
N VAL A 277 -25.29 -5.72 9.31
CA VAL A 277 -25.11 -4.68 10.26
C VAL A 277 -25.68 -3.40 9.64
N ILE A 278 -26.61 -2.80 10.34
CA ILE A 278 -27.32 -1.60 9.86
C ILE A 278 -27.01 -0.42 10.72
N PHE A 279 -26.42 0.59 10.09
CA PHE A 279 -26.07 1.79 10.80
C PHE A 279 -26.68 2.97 10.06
N THR A 280 -27.45 3.73 10.81
CA THR A 280 -28.18 4.83 10.20
C THR A 280 -27.57 6.21 10.37
N ALA A 281 -26.27 6.31 10.19
CA ALA A 281 -25.60 7.57 10.26
C ALA A 281 -26.06 8.46 11.38
N ASN A 282 -26.00 7.94 12.61
CA ASN A 282 -26.42 8.69 13.77
C ASN A 282 -25.37 9.69 14.25
N PHE A 283 -24.99 10.60 13.35
CA PHE A 283 -23.94 11.60 13.60
C PHE A 283 -24.32 12.87 14.31
N GLY A 284 -25.55 12.94 14.75
CA GLY A 284 -25.97 14.16 15.40
C GLY A 284 -25.76 15.38 14.49
N ASP A 285 -25.09 16.37 15.07
CA ASP A 285 -24.80 17.66 14.49
C ASP A 285 -23.50 17.70 13.75
N LEU A 286 -22.79 16.59 13.69
CA LEU A 286 -21.51 16.58 13.04
C LEU A 286 -21.50 17.39 11.71
N GLY A 287 -22.48 17.14 10.85
CA GLY A 287 -22.54 17.88 9.63
C GLY A 287 -21.43 17.70 8.64
N THR A 288 -21.02 16.47 8.42
CA THR A 288 -20.01 16.23 7.41
C THR A 288 -20.58 16.71 6.07
N LEU A 289 -19.74 17.33 5.26
CA LEU A 289 -20.26 17.81 4.03
C LEU A 289 -20.09 16.88 2.86
N TYR A 290 -21.22 16.62 2.20
CA TYR A 290 -21.22 15.77 1.03
C TYR A 290 -21.77 16.56 -0.14
N HIS A 291 -20.90 16.87 -1.09
CA HIS A 291 -21.29 17.63 -2.28
C HIS A 291 -21.80 19.00 -1.84
N GLU A 292 -21.10 19.58 -0.90
CA GLU A 292 -21.47 20.89 -0.41
C GLU A 292 -22.67 20.88 0.51
N LYS A 293 -23.31 19.72 0.68
CA LYS A 293 -24.45 19.56 1.57
C LYS A 293 -24.07 19.02 2.97
N LYS A 294 -24.51 19.77 3.96
CA LYS A 294 -24.22 19.36 5.32
C LYS A 294 -25.02 18.12 5.66
N GLN A 295 -24.35 17.08 6.09
CA GLN A 295 -25.02 15.87 6.44
C GLN A 295 -25.84 15.94 7.72
N VAL A 296 -27.01 15.31 7.71
CA VAL A 296 -27.81 15.31 8.92
C VAL A 296 -27.84 13.97 9.63
N HIS A 297 -28.15 14.05 10.93
CA HIS A 297 -28.30 12.87 11.72
C HIS A 297 -29.26 11.99 10.94
N HIS A 298 -28.95 10.71 10.73
CA HIS A 298 -29.84 9.88 9.93
C HIS A 298 -29.80 10.05 8.41
N GLY A 299 -28.82 10.82 7.93
CA GLY A 299 -28.63 11.10 6.52
C GLY A 299 -27.98 9.98 5.72
N GLY A 300 -28.12 8.72 6.11
CA GLY A 300 -27.55 7.60 5.31
C GLY A 300 -27.84 6.32 6.08
N ILE A 301 -27.68 5.20 5.43
CA ILE A 301 -27.88 3.92 6.09
C ILE A 301 -26.98 2.87 5.41
N THR A 302 -26.36 2.00 6.21
CA THR A 302 -25.49 0.96 5.65
C THR A 302 -26.15 -0.40 5.68
N PHE A 303 -25.61 -1.33 4.90
CA PHE A 303 -25.98 -2.74 4.83
C PHE A 303 -24.64 -3.47 4.81
N GLU A 304 -24.02 -3.59 5.98
CA GLU A 304 -22.72 -4.24 6.13
C GLU A 304 -22.93 -5.73 6.27
N CYS A 305 -22.80 -6.44 5.17
CA CYS A 305 -23.01 -7.88 5.20
C CYS A 305 -21.74 -8.56 5.63
N GLN A 306 -21.84 -9.40 6.64
CA GLN A 306 -20.63 -10.07 7.17
C GLN A 306 -21.11 -11.02 8.26
N VAL A 307 -20.15 -11.57 9.01
CA VAL A 307 -20.43 -12.39 10.13
C VAL A 307 -20.55 -11.29 11.18
N SER A 308 -21.54 -11.43 12.08
CA SER A 308 -21.79 -10.43 13.09
C SER A 308 -20.61 -10.12 13.96
N PRO A 309 -20.45 -8.85 14.32
CA PRO A 309 -19.37 -8.59 15.23
C PRO A 309 -19.78 -9.22 16.57
N GLY A 310 -18.82 -9.52 17.44
CA GLY A 310 -19.07 -10.06 18.77
C GLY A 310 -18.97 -11.54 18.90
N SER A 311 -18.48 -12.28 17.88
CA SER A 311 -18.39 -13.72 17.96
C SER A 311 -17.33 -14.17 18.96
N GLU A 312 -16.50 -13.21 19.38
CA GLU A 312 -15.47 -13.42 20.38
C GLU A 312 -16.15 -13.68 21.70
N GLN A 313 -17.31 -13.08 21.93
CA GLN A 313 -18.02 -13.36 23.18
C GLN A 313 -19.28 -14.18 22.97
N ILE A 314 -19.84 -14.21 21.76
CA ILE A 314 -21.07 -14.97 21.42
C ILE A 314 -20.77 -15.87 20.23
N PRO A 315 -20.13 -17.00 20.52
CA PRO A 315 -19.69 -18.02 19.56
C PRO A 315 -20.75 -18.52 18.62
N GLU A 316 -21.99 -18.45 19.09
CA GLU A 316 -23.13 -18.86 18.29
C GLU A 316 -23.16 -18.01 17.03
N LEU A 317 -22.68 -16.77 17.13
CA LEU A 317 -22.70 -15.91 15.96
C LEU A 317 -21.91 -16.45 14.79
N GLY A 318 -20.92 -17.27 15.08
CA GLY A 318 -20.12 -17.77 13.99
C GLY A 318 -18.64 -17.80 14.35
N ASP A 319 -17.87 -18.08 13.34
CA ASP A 319 -16.45 -18.18 13.54
C ASP A 319 -15.74 -17.52 12.40
N ILE A 320 -14.96 -16.50 12.71
CA ILE A 320 -14.27 -15.81 11.60
C ILE A 320 -12.85 -16.28 11.29
N SER A 321 -12.44 -17.44 11.75
CA SER A 321 -11.05 -17.82 11.49
C SER A 321 -10.87 -18.21 10.09
N LEU A 322 -9.63 -18.05 9.69
CA LEU A 322 -9.23 -18.39 8.35
C LEU A 322 -7.98 -19.25 8.55
N LYS A 323 -8.04 -20.53 8.19
CA LYS A 323 -6.89 -21.44 8.33
C LYS A 323 -5.88 -21.23 7.23
N ALA A 324 -4.58 -21.33 7.58
CA ALA A 324 -3.55 -21.12 6.57
C ALA A 324 -3.90 -21.94 5.35
N GLY A 325 -3.78 -21.35 4.19
CA GLY A 325 -4.10 -22.15 3.01
C GLY A 325 -5.54 -22.27 2.57
N GLU A 326 -6.53 -21.90 3.40
CA GLU A 326 -7.95 -21.98 2.99
C GLU A 326 -8.34 -20.76 2.21
N LYS A 327 -9.11 -20.97 1.15
CA LYS A 327 -9.53 -19.85 0.37
C LYS A 327 -10.82 -19.21 0.88
N TYR A 328 -10.74 -17.97 1.34
CA TYR A 328 -11.96 -17.31 1.78
C TYR A 328 -12.69 -16.72 0.58
N GLN A 329 -14.04 -16.81 0.58
CA GLN A 329 -14.88 -16.27 -0.48
C GLN A 329 -16.14 -15.69 0.13
N ALA A 330 -16.54 -14.53 -0.33
CA ALA A 330 -17.75 -13.85 0.05
C ALA A 330 -18.35 -13.13 -1.14
N THR A 331 -19.67 -13.03 -1.11
CA THR A 331 -20.39 -12.32 -2.16
C THR A 331 -21.57 -11.56 -1.60
N THR A 332 -21.63 -10.31 -2.02
CA THR A 332 -22.68 -9.41 -1.61
C THR A 332 -23.19 -8.64 -2.85
N ILE A 333 -24.52 -8.49 -3.02
CA ILE A 333 -25.06 -7.80 -4.18
C ILE A 333 -26.10 -6.76 -3.89
N TYR A 334 -25.94 -5.64 -4.60
CA TYR A 334 -26.89 -4.58 -4.46
C TYR A 334 -27.51 -4.38 -5.82
N SER A 335 -28.80 -4.69 -5.86
CA SER A 335 -29.54 -4.59 -7.10
C SER A 335 -30.45 -3.37 -7.14
N LEU A 336 -30.30 -2.56 -8.17
CA LEU A 336 -31.13 -1.36 -8.34
C LEU A 336 -32.40 -1.65 -9.18
N HIS A 337 -33.56 -1.14 -8.77
CA HIS A 337 -34.80 -1.33 -9.50
C HIS A 337 -35.65 -0.06 -9.52
N THR A 338 -36.37 0.16 -10.62
CA THR A 338 -37.25 1.33 -10.74
C THR A 338 -38.69 0.95 -11.19
N LYS A 339 -39.76 1.21 -10.40
CA LYS A 339 -41.07 0.83 -10.96
C LYS A 339 -41.49 1.57 -12.20
N LEU A 340 -42.10 0.80 -13.12
CA LEU A 340 -42.60 1.34 -14.39
C LEU A 340 -44.13 1.55 -14.39
N SER B 2 8.46 20.87 -17.50
CA SER B 2 7.09 20.45 -17.58
C SER B 2 6.89 19.12 -16.84
N ILE B 3 5.67 18.84 -16.50
CA ILE B 3 5.32 17.65 -15.77
C ILE B 3 4.19 16.99 -16.48
N LYS B 4 4.29 15.72 -16.64
CA LYS B 4 3.24 15.00 -17.29
C LYS B 4 2.93 13.76 -16.46
N ILE B 5 1.67 13.35 -16.42
CA ILE B 5 1.24 12.13 -15.69
C ILE B 5 0.33 11.25 -16.49
N ARG B 6 0.47 9.95 -16.35
CA ARG B 6 -0.38 9.07 -17.04
C ARG B 6 -0.41 7.78 -16.30
N ASP B 7 -1.37 6.96 -16.62
CA ASP B 7 -1.44 5.67 -15.97
C ASP B 7 -0.24 4.83 -16.38
N PHE B 8 0.34 4.10 -15.45
CA PHE B 8 1.49 3.24 -15.78
C PHE B 8 1.13 1.75 -15.76
N GLY B 9 -0.07 1.35 -15.29
CA GLY B 9 -0.46 -0.05 -15.22
C GLY B 9 -0.80 -0.43 -13.78
N LEU B 10 -1.78 -1.33 -13.61
CA LEU B 10 -2.22 -1.85 -12.31
C LEU B 10 -2.71 -0.79 -11.34
N GLY B 11 -2.84 0.40 -11.87
CA GLY B 11 -3.29 1.44 -10.98
C GLY B 11 -2.17 2.37 -10.62
N SER B 12 -0.98 2.13 -11.16
CA SER B 12 0.09 3.07 -10.80
C SER B 12 0.15 4.22 -11.82
N ASP B 13 0.85 5.30 -11.44
CA ASP B 13 1.04 6.43 -12.36
C ASP B 13 2.49 6.52 -12.72
N LEU B 14 2.74 7.23 -13.81
CA LEU B 14 4.05 7.51 -14.30
C LEU B 14 4.11 9.03 -14.31
N ILE B 15 5.03 9.58 -13.54
CA ILE B 15 5.19 11.08 -13.44
C ILE B 15 6.46 11.41 -14.21
N SER B 16 6.37 12.25 -15.25
CA SER B 16 7.52 12.56 -16.08
C SER B 16 7.87 14.01 -16.05
N LEU B 17 9.11 14.30 -15.65
CA LEU B 17 9.57 15.68 -15.61
C LEU B 17 10.59 15.90 -16.70
N THR B 18 10.59 17.09 -17.25
CA THR B 18 11.53 17.57 -18.26
C THR B 18 12.00 18.90 -17.67
N ASN B 19 13.28 19.05 -17.47
CA ASN B 19 13.79 20.28 -16.91
C ASN B 19 14.11 21.28 -18.02
N LYS B 20 14.63 22.45 -17.68
CA LYS B 20 14.89 23.39 -18.74
C LYS B 20 15.96 22.92 -19.72
N ALA B 21 16.92 22.15 -19.26
CA ALA B 21 17.94 21.68 -20.18
C ALA B 21 17.46 20.59 -21.12
N GLY B 22 16.22 20.13 -20.96
CA GLY B 22 15.75 19.10 -21.88
C GLY B 22 15.97 17.68 -21.36
N VAL B 23 16.47 17.60 -20.11
CA VAL B 23 16.69 16.28 -19.56
C VAL B 23 15.39 15.80 -18.99
N THR B 24 15.03 14.55 -19.25
CA THR B 24 13.77 14.01 -18.70
C THR B 24 14.03 12.90 -17.66
N ILE B 25 13.21 12.89 -16.62
CA ILE B 25 13.37 11.82 -15.63
C ILE B 25 11.97 11.40 -15.29
N SER B 26 11.70 10.13 -14.87
CA SER B 26 10.32 9.76 -14.55
C SER B 26 10.29 8.78 -13.40
N PHE B 27 9.19 8.88 -12.67
CA PHE B 27 8.97 8.10 -11.46
C PHE B 27 7.60 7.44 -11.48
N THR B 28 7.42 6.46 -10.58
CA THR B 28 6.16 5.78 -10.40
C THR B 28 5.87 5.63 -8.93
N ASN B 29 4.62 5.72 -8.60
CA ASN B 29 4.30 5.62 -7.17
C ASN B 29 4.28 4.13 -6.77
N LEU B 30 4.56 3.21 -7.73
CA LEU B 30 4.60 1.85 -7.29
C LEU B 30 6.01 1.65 -6.70
N GLY B 31 6.19 1.75 -5.37
CA GLY B 31 7.55 1.59 -4.78
C GLY B 31 8.32 2.90 -4.70
N ALA B 32 7.61 3.99 -4.87
CA ALA B 32 8.23 5.33 -4.88
C ALA B 32 9.59 5.26 -5.58
N ARG B 33 9.55 4.84 -6.83
CA ARG B 33 10.70 4.53 -7.63
C ARG B 33 10.96 5.34 -8.86
N ILE B 34 12.24 5.40 -9.25
CA ILE B 34 12.59 6.08 -10.49
C ILE B 34 12.45 5.03 -11.60
N VAL B 35 11.84 5.44 -12.75
CA VAL B 35 11.67 4.48 -13.87
C VAL B 35 12.64 4.82 -14.95
N ASP B 36 12.90 6.10 -15.18
CA ASP B 36 13.84 6.27 -16.28
C ASP B 36 14.46 7.62 -16.14
N TRP B 37 15.59 7.77 -16.82
CA TRP B 37 16.34 9.04 -16.79
C TRP B 37 17.07 9.05 -18.12
N GLN B 38 16.71 10.00 -19.02
CA GLN B 38 17.34 10.05 -20.32
C GLN B 38 17.96 11.37 -20.65
N LYS B 39 19.04 11.24 -21.43
CA LYS B 39 19.74 12.40 -21.97
C LYS B 39 19.91 12.16 -23.45
N ASP B 40 19.42 13.12 -24.22
CA ASP B 40 19.48 12.99 -25.68
C ASP B 40 18.97 11.65 -26.15
N GLY B 41 17.84 11.20 -25.61
CA GLY B 41 17.27 9.95 -26.06
C GLY B 41 18.00 8.68 -25.57
N LYS B 42 18.95 8.84 -24.63
CA LYS B 42 19.67 7.68 -24.10
C LYS B 42 19.33 7.44 -22.64
N HIS B 43 19.00 6.21 -22.30
CA HIS B 43 18.67 5.86 -20.94
C HIS B 43 19.91 5.83 -20.12
N LEU B 44 19.99 6.61 -19.01
CA LEU B 44 21.18 6.56 -18.14
C LEU B 44 21.05 5.44 -17.04
N ILE B 45 19.81 4.95 -16.89
CA ILE B 45 19.45 3.92 -15.94
C ILE B 45 18.64 2.80 -16.55
N LEU B 46 18.51 1.77 -15.76
CA LEU B 46 17.73 0.58 -16.10
C LEU B 46 16.32 0.76 -15.59
N GLY B 47 15.38 0.33 -16.41
CA GLY B 47 13.98 0.39 -16.06
C GLY B 47 13.16 -0.32 -17.13
N PHE B 48 11.91 -0.62 -16.76
CA PHE B 48 10.87 -1.30 -17.54
C PHE B 48 9.87 -0.28 -18.08
N ASP B 49 9.02 -0.76 -18.96
CA ASP B 49 8.03 0.04 -19.65
C ASP B 49 6.65 0.01 -19.01
N SER B 50 6.39 -0.92 -18.09
CA SER B 50 5.10 -0.92 -17.40
C SER B 50 5.30 -1.46 -16.02
N ALA B 51 4.32 -1.11 -15.21
CA ALA B 51 4.29 -1.53 -13.88
C ALA B 51 4.29 -3.06 -13.70
N LYS B 52 3.66 -3.76 -14.59
CA LYS B 52 3.58 -5.21 -14.45
C LYS B 52 4.94 -5.87 -14.60
N GLU B 53 5.78 -5.20 -15.41
CA GLU B 53 7.12 -5.68 -15.68
C GLU B 53 7.93 -5.73 -14.42
N TYR B 54 7.76 -4.69 -13.60
CA TYR B 54 8.48 -4.71 -12.36
C TYR B 54 7.97 -5.84 -11.46
N LEU B 55 6.67 -6.04 -11.46
CA LEU B 55 6.09 -7.07 -10.63
C LEU B 55 6.38 -8.46 -11.14
N GLU B 56 6.54 -8.54 -12.42
CA GLU B 56 6.80 -9.87 -12.96
C GLU B 56 8.26 -10.18 -13.19
N LYS B 57 9.12 -9.17 -13.51
CA LYS B 57 10.51 -9.46 -13.75
C LYS B 57 11.40 -9.20 -12.56
N ASP B 58 11.38 -7.96 -12.07
CA ASP B 58 12.24 -7.66 -10.99
C ASP B 58 11.68 -6.42 -10.36
N ALA B 59 11.26 -6.63 -9.15
CA ALA B 59 10.65 -5.55 -8.43
C ALA B 59 11.55 -4.56 -7.77
N TYR B 60 12.88 -4.74 -7.80
CA TYR B 60 13.77 -3.80 -7.11
C TYR B 60 14.34 -2.64 -7.86
N PRO B 61 14.56 -2.76 -9.12
CA PRO B 61 15.18 -1.60 -9.81
C PRO B 61 14.53 -0.23 -9.61
N GLY B 62 15.30 0.76 -9.22
CA GLY B 62 14.86 2.11 -9.03
C GLY B 62 13.99 2.31 -7.82
N ALA B 63 13.67 1.19 -7.13
CA ALA B 63 12.76 1.27 -5.97
C ALA B 63 13.32 1.87 -4.73
N THR B 64 12.41 2.32 -3.87
CA THR B 64 12.74 2.71 -2.53
C THR B 64 12.59 1.38 -1.76
N VAL B 65 13.62 0.91 -1.02
CA VAL B 65 13.56 -0.36 -0.26
C VAL B 65 13.79 -0.06 1.22
N GLY B 66 13.10 -0.82 2.04
CA GLY B 66 13.17 -0.62 3.45
C GLY B 66 12.11 -1.47 4.01
N PRO B 67 11.79 -1.18 5.23
CA PRO B 67 12.30 -0.11 6.10
C PRO B 67 13.80 -0.14 6.34
N THR B 68 14.37 -1.34 6.24
CA THR B 68 15.79 -1.61 6.38
C THR B 68 16.36 -2.20 5.11
N ALA B 69 17.31 -1.48 4.51
CA ALA B 69 17.94 -1.99 3.29
C ALA B 69 19.05 -3.00 3.56
N GLY B 70 19.05 -4.06 2.76
CA GLY B 70 20.08 -5.09 2.85
C GLY B 70 19.62 -6.28 3.66
N ARG B 71 20.54 -7.20 4.00
CA ARG B 71 20.28 -8.41 4.81
C ARG B 71 20.56 -8.24 6.32
N ILE B 72 19.64 -8.80 7.14
CA ILE B 72 19.70 -8.82 8.58
C ILE B 72 19.80 -10.30 8.87
N LYS B 73 20.93 -10.70 9.41
CA LYS B 73 21.15 -12.12 9.67
C LYS B 73 20.05 -12.73 10.55
N ASP B 74 19.43 -13.82 10.07
CA ASP B 74 18.36 -14.50 10.80
C ASP B 74 17.17 -13.61 11.16
N GLY B 75 17.01 -12.44 10.51
CA GLY B 75 15.94 -11.50 10.76
C GLY B 75 15.90 -11.03 12.18
N LEU B 76 17.03 -11.11 12.84
CA LEU B 76 17.04 -10.70 14.23
C LEU B 76 17.61 -9.32 14.57
N VAL B 77 16.79 -8.47 15.18
CA VAL B 77 17.24 -7.16 15.58
C VAL B 77 16.90 -6.96 17.04
N LYS B 78 17.64 -6.05 17.67
CA LYS B 78 17.40 -5.74 19.05
C LYS B 78 16.93 -4.33 19.18
N ILE B 79 15.73 -4.15 19.72
CA ILE B 79 15.20 -2.79 19.84
C ILE B 79 14.81 -2.45 21.26
N SER B 80 15.62 -1.57 21.80
CA SER B 80 15.48 -1.12 23.17
C SER B 80 15.51 -2.31 24.11
N GLY B 81 16.63 -3.04 23.94
CA GLY B 81 16.91 -4.22 24.73
C GLY B 81 16.02 -5.41 24.42
N LYS B 82 15.22 -5.28 23.40
CA LYS B 82 14.40 -6.42 23.11
C LYS B 82 14.72 -6.93 21.74
N ASP B 83 14.65 -8.24 21.65
CA ASP B 83 14.91 -8.90 20.41
C ASP B 83 13.62 -8.99 19.60
N TYR B 84 13.72 -8.71 18.31
CA TYR B 84 12.54 -8.86 17.48
C TYR B 84 12.94 -9.60 16.26
N ILE B 85 12.10 -10.51 15.84
CA ILE B 85 12.34 -11.24 14.61
C ILE B 85 11.44 -10.67 13.51
N LEU B 86 12.10 -10.38 12.40
CA LEU B 86 11.44 -9.83 11.26
C LEU B 86 11.14 -10.87 10.22
N ASN B 87 10.33 -10.46 9.24
CA ASN B 87 10.00 -11.38 8.19
C ASN B 87 11.26 -11.92 7.55
N GLN B 88 11.33 -13.24 7.29
CA GLN B 88 12.52 -13.79 6.64
C GLN B 88 12.19 -14.23 5.26
N ASN B 89 12.68 -13.51 4.30
CA ASN B 89 12.37 -13.76 2.89
C ASN B 89 13.51 -14.32 2.07
N GLU B 90 14.70 -14.45 2.67
CA GLU B 90 15.85 -15.00 1.95
C GLU B 90 16.49 -15.97 2.92
N GLY B 91 15.97 -17.17 2.82
CA GLY B 91 16.36 -18.17 3.77
C GLY B 91 16.00 -17.60 5.12
N PRO B 92 16.84 -17.72 6.12
CA PRO B 92 16.50 -17.16 7.40
C PRO B 92 16.83 -15.69 7.47
N GLN B 93 17.19 -15.11 6.32
CA GLN B 93 17.52 -13.72 6.38
C GLN B 93 16.33 -12.83 6.02
N THR B 94 16.37 -11.62 6.55
CA THR B 94 15.38 -10.62 6.20
C THR B 94 16.11 -9.72 5.19
N LEU B 95 15.75 -9.81 3.93
CA LEU B 95 16.38 -8.97 2.90
C LEU B 95 15.38 -7.87 2.46
N HIS B 96 15.84 -6.62 2.53
CA HIS B 96 15.09 -5.45 2.14
C HIS B 96 13.69 -5.32 2.71
N GLY B 97 13.61 -5.40 4.04
CA GLY B 97 12.39 -5.23 4.79
C GLY B 97 11.48 -6.41 4.75
N GLY B 98 11.86 -7.44 4.08
CA GLY B 98 10.93 -8.57 4.13
C GLY B 98 10.13 -8.83 2.86
N GLU B 99 9.32 -9.87 2.86
CA GLU B 99 8.57 -10.07 1.65
C GLU B 99 7.46 -9.03 1.42
N GLU B 100 7.13 -8.76 0.14
CA GLU B 100 6.04 -7.82 -0.25
C GLU B 100 6.22 -6.54 0.52
N SER B 101 7.40 -6.09 0.46
CA SER B 101 7.78 -4.90 1.21
C SER B 101 7.39 -3.59 0.53
N ILE B 102 7.88 -2.45 1.06
CA ILE B 102 7.45 -1.18 0.55
C ILE B 102 7.62 -0.90 -0.94
N HIS B 103 8.55 -1.61 -1.56
CA HIS B 103 8.82 -1.39 -3.00
C HIS B 103 7.68 -2.01 -3.85
N THR B 104 6.83 -2.81 -3.18
CA THR B 104 5.73 -3.45 -3.87
C THR B 104 4.41 -2.72 -3.72
N LYS B 105 4.37 -1.70 -2.89
CA LYS B 105 3.14 -0.97 -2.62
C LYS B 105 2.91 0.28 -3.46
N LEU B 106 1.62 0.66 -3.63
CA LEU B 106 1.34 1.90 -4.36
C LEU B 106 1.39 2.99 -3.27
N TRP B 107 2.30 3.97 -3.40
CA TRP B 107 2.35 5.04 -2.40
C TRP B 107 1.46 6.20 -2.84
N THR B 108 0.91 6.99 -1.92
CA THR B 108 0.14 8.14 -2.43
C THR B 108 1.21 9.20 -2.75
N TYR B 109 0.89 10.25 -3.49
CA TYR B 109 1.89 11.27 -3.81
C TYR B 109 1.24 12.61 -4.14
N GLU B 110 2.08 13.64 -4.03
CA GLU B 110 1.74 15.00 -4.36
C GLU B 110 2.91 15.62 -5.04
N VAL B 111 2.63 16.37 -6.08
CA VAL B 111 3.65 17.03 -6.87
C VAL B 111 3.75 18.51 -6.56
N THR B 112 4.94 18.98 -6.27
CA THR B 112 5.08 20.42 -6.02
C THR B 112 6.00 21.06 -7.06
N ASP B 113 5.46 21.98 -7.81
CA ASP B 113 6.23 22.67 -8.83
C ASP B 113 6.82 23.93 -8.28
N LEU B 114 8.13 23.95 -8.18
CA LEU B 114 8.83 25.12 -7.68
C LEU B 114 9.52 25.80 -8.83
N GLY B 115 9.15 25.48 -10.05
CA GLY B 115 9.81 26.18 -11.13
C GLY B 115 11.13 25.59 -11.56
N ALA B 116 12.20 26.00 -10.90
CA ALA B 116 13.48 25.44 -11.29
C ALA B 116 13.68 24.04 -10.72
N GLU B 117 12.80 23.70 -9.80
CA GLU B 117 12.84 22.41 -9.19
C GLU B 117 11.43 21.89 -9.09
N VAL B 118 11.26 20.61 -9.33
CA VAL B 118 9.95 20.02 -9.19
C VAL B 118 10.12 18.85 -8.19
N GLN B 119 9.20 18.72 -7.24
CA GLN B 119 9.26 17.66 -6.22
C GLN B 119 8.10 16.69 -6.28
N VAL B 120 8.37 15.44 -6.16
CA VAL B 120 7.33 14.40 -6.12
C VAL B 120 7.52 13.74 -4.75
N LYS B 121 6.57 14.01 -3.86
CA LYS B 121 6.58 13.50 -2.54
C LYS B 121 5.63 12.34 -2.37
N PHE B 122 6.23 11.16 -2.21
CA PHE B 122 5.47 9.96 -2.03
C PHE B 122 5.32 9.63 -0.58
N SER B 123 4.16 9.09 -0.19
CA SER B 123 3.92 8.72 1.20
C SER B 123 3.35 7.33 1.41
N LEU B 124 3.65 6.78 2.60
CA LEU B 124 3.17 5.47 2.95
C LEU B 124 3.34 5.33 4.42
N VAL B 125 2.46 4.53 4.94
CA VAL B 125 2.46 4.20 6.34
C VAL B 125 2.76 2.75 6.48
N SER B 126 3.76 2.43 7.27
CA SER B 126 4.07 1.04 7.53
C SER B 126 3.36 0.72 8.87
N ASN B 127 2.35 -0.14 8.83
CA ASN B 127 1.64 -0.36 10.10
C ASN B 127 2.51 -1.07 11.17
N ASP B 128 2.18 -0.76 12.41
CA ASP B 128 2.86 -1.40 13.49
C ASP B 128 2.78 -2.89 13.26
N GLY B 129 3.89 -3.63 13.43
CA GLY B 129 3.90 -5.10 13.30
C GLY B 129 4.08 -5.61 11.86
N THR B 130 3.97 -4.68 10.90
CA THR B 130 4.11 -5.07 9.51
C THR B 130 5.43 -5.81 9.27
N ASN B 131 5.44 -7.09 8.84
CA ASN B 131 6.72 -7.78 8.65
C ASN B 131 7.64 -7.89 9.89
N GLY B 132 7.07 -7.65 11.08
CA GLY B 132 7.76 -7.72 12.37
C GLY B 132 8.22 -6.38 12.90
N TYR B 133 8.20 -5.36 12.09
CA TYR B 133 8.70 -4.02 12.59
C TYR B 133 7.71 -3.22 13.48
N PRO B 134 8.19 -2.74 14.64
CA PRO B 134 7.36 -1.89 15.50
C PRO B 134 7.02 -0.64 14.72
N GLY B 135 5.81 -0.09 14.94
CA GLY B 135 5.40 1.09 14.21
C GLY B 135 4.23 1.65 14.97
N LYS B 136 3.36 2.34 14.27
CA LYS B 136 3.45 2.55 12.84
C LYS B 136 4.53 3.55 12.48
N ILE B 137 4.93 3.48 11.23
CA ILE B 137 5.97 4.34 10.70
C ILE B 137 5.36 5.20 9.62
N GLU B 138 5.38 6.52 9.78
CA GLU B 138 4.85 7.37 8.71
C GLU B 138 6.02 7.75 7.83
N MET B 139 6.06 7.23 6.59
CA MET B 139 7.22 7.49 5.77
C MET B 139 6.95 8.36 4.58
N SER B 140 7.98 9.05 4.16
CA SER B 140 7.85 9.86 2.98
C SER B 140 9.17 9.94 2.23
N VAL B 141 9.06 9.86 0.91
CA VAL B 141 10.22 9.92 0.06
C VAL B 141 9.95 11.01 -0.94
N THR B 142 10.80 11.99 -0.99
CA THR B 142 10.59 13.04 -1.96
C THR B 142 11.61 12.92 -3.10
N HIS B 143 11.20 12.79 -4.36
CA HIS B 143 12.19 12.72 -5.39
C HIS B 143 12.09 14.06 -6.06
N SER B 144 13.20 14.74 -6.29
CA SER B 144 13.12 16.03 -6.98
C SER B 144 14.12 16.12 -8.09
N PHE B 145 13.82 16.92 -9.11
CA PHE B 145 14.71 17.12 -10.22
C PHE B 145 14.72 18.63 -10.49
N ASP B 146 15.89 19.14 -10.85
CA ASP B 146 15.98 20.56 -11.05
C ASP B 146 16.67 20.90 -12.34
N ASP B 147 16.77 22.22 -12.56
CA ASP B 147 17.38 22.71 -13.78
C ASP B 147 18.89 22.53 -13.87
N ASP B 148 19.46 22.09 -12.75
CA ASP B 148 20.88 21.81 -12.69
C ASP B 148 21.15 20.33 -12.89
N ASN B 149 20.13 19.60 -13.30
CA ASN B 149 20.31 18.15 -13.52
C ASN B 149 20.65 17.36 -12.27
N LYS B 150 20.18 17.84 -11.13
CA LYS B 150 20.44 17.09 -9.94
C LYS B 150 19.17 16.34 -9.60
N TRP B 151 19.26 15.03 -9.37
CA TRP B 151 18.15 14.22 -8.94
C TRP B 151 18.36 14.00 -7.46
N LYS B 152 17.44 14.48 -6.65
CA LYS B 152 17.63 14.33 -5.25
C LYS B 152 16.53 13.53 -4.57
N ILE B 153 16.98 12.68 -3.63
CA ILE B 153 16.14 11.84 -2.81
C ILE B 153 16.20 12.20 -1.35
N HIS B 154 15.07 12.56 -0.84
CA HIS B 154 14.97 12.94 0.56
C HIS B 154 13.98 12.07 1.30
N TYR B 155 14.46 11.39 2.33
CA TYR B 155 13.66 10.46 3.12
C TYR B 155 13.28 11.07 4.46
N GLU B 156 12.03 10.92 4.87
CA GLU B 156 11.64 11.35 6.21
C GLU B 156 10.78 10.26 6.83
N ALA B 157 10.84 10.14 8.14
CA ALA B 157 10.09 9.12 8.81
C ALA B 157 10.00 9.45 10.30
N ILE B 158 8.84 9.05 10.89
CA ILE B 158 8.44 9.15 12.29
C ILE B 158 7.65 7.89 12.65
N SER B 159 8.08 7.27 13.77
CA SER B 159 7.51 6.07 14.31
C SER B 159 6.87 6.40 15.65
N ASP B 160 5.82 5.64 15.91
CA ASP B 160 5.02 5.72 17.12
C ASP B 160 5.69 4.95 18.20
N LYS B 161 6.58 4.08 17.78
CA LYS B 161 7.37 3.19 18.63
C LYS B 161 8.83 3.12 18.26
N ASP B 162 9.67 2.71 19.24
CA ASP B 162 11.11 2.52 19.01
C ASP B 162 11.18 1.43 17.95
N THR B 163 11.93 1.72 16.91
CA THR B 163 12.00 0.71 15.80
C THR B 163 13.36 0.82 15.12
N VAL B 164 13.52 0.23 13.94
CA VAL B 164 14.75 0.33 13.13
C VAL B 164 14.43 0.94 11.74
N PHE B 165 15.27 1.82 11.22
CA PHE B 165 14.99 2.38 9.91
C PHE B 165 16.29 2.76 9.17
N ASN B 166 16.43 2.31 7.93
CA ASN B 166 17.59 2.52 7.15
C ASN B 166 17.29 2.14 5.71
N PRO B 167 16.45 2.94 5.05
CA PRO B 167 16.11 2.55 3.69
C PRO B 167 17.13 3.07 2.68
N THR B 168 16.95 2.65 1.45
CA THR B 168 17.82 3.18 0.38
C THR B 168 17.05 3.19 -0.95
N GLY B 169 17.74 3.70 -2.03
CA GLY B 169 17.26 3.81 -3.39
C GLY B 169 18.08 2.85 -4.21
N HIS B 170 17.33 1.99 -4.89
CA HIS B 170 17.83 0.91 -5.68
C HIS B 170 17.99 1.10 -7.16
N VAL B 171 18.35 2.29 -7.56
CA VAL B 171 18.58 2.47 -9.00
C VAL B 171 19.82 1.76 -9.51
N TYR B 172 19.78 1.38 -10.80
CA TYR B 172 20.86 0.78 -11.46
C TYR B 172 21.24 1.66 -12.60
N PHE B 173 22.49 2.01 -12.69
CA PHE B 173 22.92 2.79 -13.82
C PHE B 173 23.54 1.87 -14.87
N ASN B 174 23.51 2.40 -16.07
CA ASN B 174 24.16 1.74 -17.19
C ASN B 174 24.26 2.78 -18.29
N LEU B 175 25.41 3.50 -18.30
CA LEU B 175 25.63 4.57 -19.23
C LEU B 175 25.69 4.16 -20.67
N ASN B 176 25.64 2.88 -20.90
CA ASN B 176 25.63 2.46 -22.31
C ASN B 176 24.21 2.65 -22.87
N GLY B 177 23.21 2.77 -21.95
CA GLY B 177 21.82 2.94 -22.34
C GLY B 177 21.31 1.61 -22.89
N ASP B 178 22.09 0.53 -22.70
CA ASP B 178 21.68 -0.79 -23.19
C ASP B 178 22.02 -1.88 -22.18
N ALA B 179 21.01 -2.57 -21.63
CA ALA B 179 21.23 -3.58 -20.63
C ALA B 179 22.13 -4.68 -21.10
N SER B 180 22.19 -4.89 -22.40
CA SER B 180 22.97 -6.01 -22.90
C SER B 180 24.42 -5.63 -23.10
N GLU B 181 24.79 -4.47 -22.59
CA GLU B 181 26.12 -3.90 -22.61
C GLU B 181 26.59 -3.78 -21.13
N SER B 182 27.72 -4.40 -20.87
CA SER B 182 28.36 -4.43 -19.58
C SER B 182 28.90 -3.09 -19.14
N VAL B 183 28.88 -2.82 -17.86
CA VAL B 183 29.43 -1.51 -17.48
C VAL B 183 30.93 -1.59 -17.17
N GLU B 184 31.57 -2.70 -17.61
CA GLU B 184 32.99 -2.85 -17.36
C GLU B 184 33.74 -1.74 -18.08
N ASN B 185 33.06 -1.04 -18.96
CA ASN B 185 33.71 0.03 -19.71
C ASN B 185 33.52 1.38 -19.09
N HIS B 186 32.96 1.42 -17.90
CA HIS B 186 32.74 2.70 -17.25
C HIS B 186 33.88 2.95 -16.29
N GLY B 187 34.16 4.20 -15.99
CA GLY B 187 35.23 4.48 -15.06
C GLY B 187 34.54 4.76 -13.74
N LEU B 188 35.15 4.32 -12.70
CA LEU B 188 34.61 4.55 -11.36
C LEU B 188 35.64 5.19 -10.43
N ARG B 189 35.20 6.23 -9.69
CA ARG B 189 36.02 6.89 -8.71
C ARG B 189 35.18 6.83 -7.40
N LEU B 190 35.76 6.38 -6.29
CA LEU B 190 34.99 6.24 -5.04
C LEU B 190 35.85 6.51 -3.81
N ALA B 191 35.44 7.51 -2.99
CA ALA B 191 36.16 7.90 -1.78
C ALA B 191 35.99 7.01 -0.57
N ALA B 192 36.41 5.76 -0.75
CA ALA B 192 36.34 4.76 0.29
C ALA B 192 37.60 3.88 0.31
N SER B 193 38.21 3.76 1.52
CA SER B 193 39.41 2.93 1.72
C SER B 193 39.13 1.58 2.34
N ARG B 194 37.89 1.34 2.72
CA ARG B 194 37.62 0.06 3.37
C ARG B 194 36.34 -0.49 2.90
N PHE B 195 36.17 -1.79 3.10
CA PHE B 195 34.95 -2.44 2.71
C PHE B 195 34.54 -3.52 3.70
N VAL B 196 33.34 -4.03 3.52
CA VAL B 196 32.81 -5.06 4.41
C VAL B 196 32.67 -6.38 3.69
N PRO B 197 33.52 -7.35 4.05
CA PRO B 197 33.44 -8.63 3.35
C PRO B 197 32.25 -9.43 3.88
N LEU B 198 31.80 -10.36 3.04
CA LEU B 198 30.68 -11.21 3.32
C LEU B 198 31.19 -12.58 3.71
N LYS B 199 30.49 -13.17 4.66
CA LYS B 199 30.90 -14.46 5.15
C LYS B 199 30.91 -15.53 4.09
N ASP B 200 29.86 -15.62 3.29
CA ASP B 200 29.75 -16.65 2.25
C ASP B 200 28.60 -16.30 1.31
N GLN B 201 28.15 -17.31 0.52
CA GLN B 201 27.06 -17.16 -0.45
C GLN B 201 25.70 -16.74 0.11
N THR B 202 25.51 -16.80 1.42
CA THR B 202 24.29 -16.31 1.98
C THR B 202 24.36 -14.79 2.03
N GLU B 203 25.57 -14.27 1.83
CA GLU B 203 25.69 -12.83 1.76
C GLU B 203 25.57 -12.03 3.05
N ILE B 204 25.58 -12.72 4.21
CA ILE B 204 25.62 -11.98 5.46
C ILE B 204 27.09 -11.52 5.66
N VAL B 205 27.30 -10.47 6.45
CA VAL B 205 28.64 -9.97 6.66
C VAL B 205 29.56 -10.91 7.40
N ARG B 206 30.82 -10.86 7.02
CA ARG B 206 31.79 -11.69 7.65
C ARG B 206 32.07 -11.39 9.12
N GLY B 207 32.15 -10.11 9.48
CA GLY B 207 32.37 -9.69 10.85
C GLY B 207 33.51 -8.68 11.04
N ASP B 208 34.31 -8.58 10.00
CA ASP B 208 35.43 -7.65 9.96
C ASP B 208 35.29 -6.63 8.85
N ILE B 209 36.11 -5.60 8.93
CA ILE B 209 36.20 -4.50 7.99
C ILE B 209 37.62 -4.53 7.51
N VAL B 210 37.76 -4.51 6.22
CA VAL B 210 39.04 -4.64 5.60
C VAL B 210 39.43 -3.44 4.77
N ASP B 211 40.73 -3.15 4.79
CA ASP B 211 41.36 -2.09 4.01
C ASP B 211 41.56 -2.59 2.57
N ILE B 212 41.16 -1.78 1.56
CA ILE B 212 41.26 -2.28 0.18
C ILE B 212 42.17 -1.50 -0.65
N LYS B 213 42.86 -0.56 0.01
CA LYS B 213 43.82 0.24 -0.72
C LYS B 213 44.79 -0.59 -1.51
N ASN B 214 45.08 -0.13 -2.69
CA ASN B 214 46.04 -0.83 -3.49
C ASN B 214 45.64 -2.21 -3.96
N THR B 215 44.37 -2.55 -3.84
CA THR B 215 43.83 -3.82 -4.33
C THR B 215 43.01 -3.47 -5.55
N ASP B 216 42.49 -4.50 -6.23
CA ASP B 216 41.63 -4.27 -7.39
C ASP B 216 40.31 -3.59 -7.01
N LEU B 217 39.96 -3.49 -5.70
CA LEU B 217 38.73 -2.81 -5.24
C LEU B 217 38.99 -1.37 -4.78
N ASP B 218 40.20 -0.86 -5.04
CA ASP B 218 40.57 0.50 -4.65
C ASP B 218 40.21 1.47 -5.78
N PHE B 219 39.14 2.26 -5.68
CA PHE B 219 38.78 3.15 -6.77
C PHE B 219 38.95 4.62 -6.39
N ARG B 220 39.73 4.85 -5.36
CA ARG B 220 39.98 6.20 -4.88
C ARG B 220 40.41 7.16 -6.00
N GLN B 221 41.14 6.59 -6.93
CA GLN B 221 41.62 7.23 -8.14
C GLN B 221 40.89 6.42 -9.21
N GLU B 222 40.32 7.10 -10.17
CA GLU B 222 39.52 6.47 -11.15
C GLU B 222 40.07 5.30 -11.88
N LYS B 223 39.30 4.22 -11.99
CA LYS B 223 39.74 3.12 -12.82
C LYS B 223 38.62 2.42 -13.55
N GLN B 224 38.88 1.73 -14.66
CA GLN B 224 37.77 1.09 -15.31
C GLN B 224 37.17 0.01 -14.43
N LEU B 225 35.87 -0.26 -14.61
CA LEU B 225 35.29 -1.31 -13.76
C LEU B 225 35.81 -2.69 -14.04
N SER B 226 36.27 -2.88 -15.25
CA SER B 226 36.82 -4.17 -15.66
C SER B 226 37.91 -4.70 -14.69
N ASN B 227 38.64 -3.78 -14.01
CA ASN B 227 39.72 -4.13 -13.06
C ASN B 227 39.20 -4.98 -11.93
N ALA B 228 38.00 -4.59 -11.46
CA ALA B 228 37.34 -5.30 -10.40
C ALA B 228 36.79 -6.61 -10.91
N PHE B 229 36.07 -6.50 -12.02
CA PHE B 229 35.41 -7.66 -12.60
C PHE B 229 36.36 -8.76 -12.99
N ASN B 230 37.55 -8.35 -13.36
CA ASN B 230 38.50 -9.32 -13.75
C ASN B 230 39.31 -9.83 -12.56
N SER B 231 39.16 -9.22 -11.41
CA SER B 231 39.88 -9.62 -10.22
C SER B 231 39.61 -11.02 -9.73
N ASN B 232 40.62 -11.69 -9.19
CA ASN B 232 40.39 -13.02 -8.64
C ASN B 232 40.38 -12.99 -7.12
N MET B 233 40.31 -11.78 -6.58
CA MET B 233 40.25 -11.68 -5.13
C MET B 233 39.05 -12.51 -4.71
N GLU B 234 39.19 -13.17 -3.55
CA GLU B 234 38.19 -14.04 -2.98
C GLU B 234 36.80 -13.43 -2.92
N GLN B 235 36.74 -12.22 -2.39
CA GLN B 235 35.45 -11.57 -2.27
C GLN B 235 34.78 -11.30 -3.60
N VAL B 236 35.59 -11.09 -4.65
CA VAL B 236 35.07 -10.81 -5.95
C VAL B 236 34.56 -12.09 -6.57
N GLN B 237 35.30 -13.11 -6.34
CA GLN B 237 34.88 -14.42 -6.89
C GLN B 237 33.68 -14.97 -6.13
N LEU B 238 33.55 -14.60 -4.86
CA LEU B 238 32.45 -15.07 -4.05
C LEU B 238 31.07 -14.68 -4.64
N VAL B 239 30.99 -13.44 -5.05
CA VAL B 239 29.77 -12.89 -5.58
C VAL B 239 29.77 -12.66 -7.05
N LYS B 240 30.84 -13.05 -7.72
CA LYS B 240 30.98 -12.90 -9.17
C LYS B 240 30.90 -11.45 -9.63
N GLY B 241 31.52 -10.56 -8.86
CA GLY B 241 31.51 -9.17 -9.24
C GLY B 241 31.60 -8.34 -7.96
N ILE B 242 30.86 -7.24 -7.86
CA ILE B 242 30.90 -6.45 -6.61
C ILE B 242 29.49 -6.51 -6.01
N ALA B 243 29.38 -6.57 -4.66
CA ALA B 243 28.11 -6.63 -3.99
C ALA B 243 28.36 -6.35 -2.55
N HIS B 244 29.06 -5.24 -2.28
CA HIS B 244 29.49 -4.97 -0.95
C HIS B 244 29.35 -3.56 -0.56
N PRO B 245 29.36 -3.42 0.74
CA PRO B 245 29.31 -2.09 1.32
C PRO B 245 30.70 -1.50 1.30
N PHE B 246 30.79 -0.24 0.88
CA PHE B 246 32.04 0.49 0.88
C PHE B 246 31.91 1.59 1.94
N LEU B 247 32.89 1.67 2.87
CA LEU B 247 32.78 2.69 3.93
C LEU B 247 33.42 3.97 3.48
N LEU B 248 32.64 5.01 3.43
CA LEU B 248 33.15 6.28 2.94
C LEU B 248 34.18 6.83 3.88
N ASP B 249 35.25 7.36 3.31
CA ASP B 249 36.32 7.90 4.16
C ASP B 249 35.96 9.20 4.81
N GLN B 250 35.26 10.08 4.09
CA GLN B 250 34.86 11.38 4.62
C GLN B 250 33.37 11.58 4.45
N LEU B 251 32.71 11.78 5.58
CA LEU B 251 31.27 11.98 5.63
C LEU B 251 30.78 13.37 5.34
N GLY B 252 29.57 13.47 4.76
CA GLY B 252 29.04 14.78 4.48
C GLY B 252 28.51 14.88 3.06
N LEU B 253 27.44 15.64 3.00
CA LEU B 253 26.67 15.84 1.78
C LEU B 253 27.33 16.70 0.74
N ASP B 254 28.35 17.46 1.19
CA ASP B 254 29.12 18.37 0.39
C ASP B 254 30.11 17.77 -0.59
N LYS B 255 30.66 16.62 -0.20
CA LYS B 255 31.66 15.81 -0.90
C LYS B 255 31.14 14.86 -2.01
N GLU B 256 31.85 14.82 -3.12
CA GLU B 256 31.50 13.91 -4.22
C GLU B 256 32.08 12.59 -3.79
N GLN B 257 31.25 11.70 -3.30
CA GLN B 257 31.77 10.46 -2.81
C GLN B 257 32.06 9.47 -3.94
N ALA B 258 31.26 9.58 -4.98
CA ALA B 258 31.49 8.67 -6.12
C ALA B 258 31.23 9.34 -7.44
N ARG B 259 31.91 8.82 -8.46
CA ARG B 259 31.70 9.36 -9.77
C ARG B 259 31.73 8.21 -10.80
N LEU B 260 30.70 8.07 -11.63
CA LEU B 260 30.70 6.97 -12.67
C LEU B 260 30.73 7.68 -14.02
N THR B 261 31.75 7.36 -14.87
CA THR B 261 31.90 8.04 -16.14
C THR B 261 31.97 7.12 -17.32
N LEU B 262 31.37 7.58 -18.42
CA LEU B 262 31.44 6.87 -19.71
C LEU B 262 31.57 7.98 -20.75
N ASP B 263 32.72 8.00 -21.44
CA ASP B 263 32.86 9.02 -22.45
C ASP B 263 32.56 10.42 -21.92
N ASP B 264 31.58 11.09 -22.50
CA ASP B 264 31.37 12.44 -22.03
C ASP B 264 30.40 12.66 -20.92
N THR B 265 29.84 11.58 -20.44
CA THR B 265 28.85 11.66 -19.38
C THR B 265 29.31 11.07 -18.07
N SER B 266 29.02 11.82 -16.99
CA SER B 266 29.35 11.44 -15.63
C SER B 266 28.13 11.54 -14.72
N ILE B 267 28.06 10.69 -13.74
CA ILE B 267 27.04 10.73 -12.70
C ILE B 267 27.84 10.84 -11.38
N SER B 268 27.57 11.89 -10.59
CA SER B 268 28.19 12.11 -9.31
C SER B 268 27.21 11.77 -8.20
N VAL B 269 27.75 11.16 -7.18
CA VAL B 269 26.95 10.70 -6.06
C VAL B 269 27.31 11.48 -4.80
N PHE B 270 26.29 12.07 -4.18
CA PHE B 270 26.46 12.81 -2.92
C PHE B 270 25.52 12.20 -1.93
N THR B 271 25.86 12.22 -0.62
CA THR B 271 24.92 11.65 0.33
C THR B 271 25.30 12.01 1.74
N ASP B 272 24.38 11.79 2.65
CA ASP B 272 24.67 12.11 4.04
C ASP B 272 24.85 10.85 4.86
N GLN B 273 24.81 9.72 4.12
CA GLN B 273 24.98 8.39 4.69
C GLN B 273 26.48 8.04 4.78
N PRO B 274 26.82 7.04 5.58
CA PRO B 274 28.20 6.61 5.82
C PRO B 274 28.74 5.53 4.87
N SER B 275 27.87 4.87 4.13
CA SER B 275 28.32 3.84 3.21
C SER B 275 27.55 3.80 1.90
N ILE B 276 28.14 3.09 0.89
CA ILE B 276 27.54 2.90 -0.41
C ILE B 276 27.70 1.44 -0.71
N VAL B 277 26.59 0.82 -0.85
CA VAL B 277 26.49 -0.60 -1.17
C VAL B 277 26.49 -0.65 -2.67
N ILE B 278 27.48 -1.34 -3.23
CA ILE B 278 27.59 -1.38 -4.67
C ILE B 278 27.37 -2.79 -5.12
N PHE B 279 26.40 -2.93 -6.03
CA PHE B 279 26.04 -4.24 -6.61
C PHE B 279 26.06 -4.08 -8.11
N THR B 280 26.89 -4.89 -8.73
CA THR B 280 27.07 -4.81 -10.16
C THR B 280 26.28 -5.82 -10.99
N ALA B 281 25.05 -6.09 -10.60
CA ALA B 281 24.18 -6.96 -11.42
C ALA B 281 24.80 -8.25 -11.91
N ASN B 282 25.29 -9.00 -10.92
CA ASN B 282 25.98 -10.26 -11.07
C ASN B 282 25.04 -11.35 -11.36
N PHE B 283 24.14 -11.16 -12.32
CA PHE B 283 23.14 -12.23 -12.57
C PHE B 283 23.53 -13.29 -13.54
N GLY B 284 24.77 -13.31 -13.96
CA GLY B 284 25.09 -14.33 -14.93
C GLY B 284 24.19 -14.26 -16.15
N ASP B 285 23.73 -15.44 -16.54
CA ASP B 285 22.92 -15.63 -17.73
C ASP B 285 21.39 -15.43 -17.59
N LEU B 286 20.94 -15.03 -16.39
CA LEU B 286 19.54 -14.77 -16.13
C LEU B 286 18.86 -14.08 -17.32
N GLY B 287 19.54 -13.06 -17.84
CA GLY B 287 19.05 -12.33 -18.99
C GLY B 287 17.69 -11.66 -18.88
N THR B 288 17.45 -10.92 -17.81
CA THR B 288 16.21 -10.19 -17.70
C THR B 288 16.07 -9.19 -18.87
N LEU B 289 14.91 -9.15 -19.54
CA LEU B 289 14.74 -8.24 -20.68
C LEU B 289 14.41 -6.80 -20.28
N TYR B 290 15.19 -5.84 -20.77
CA TYR B 290 14.99 -4.44 -20.48
C TYR B 290 14.79 -3.78 -21.79
N HIS B 291 13.55 -3.36 -22.08
CA HIS B 291 13.37 -2.73 -23.38
C HIS B 291 13.77 -3.64 -24.50
N GLU B 292 13.46 -4.88 -24.27
CA GLU B 292 13.68 -5.94 -25.24
C GLU B 292 15.14 -6.37 -25.44
N LYS B 293 16.04 -5.81 -24.60
CA LYS B 293 17.45 -6.18 -24.65
C LYS B 293 17.66 -7.15 -23.50
N LYS B 294 18.33 -8.30 -23.69
CA LYS B 294 18.61 -9.28 -22.62
C LYS B 294 19.70 -8.67 -21.76
N GLN B 295 19.46 -8.55 -20.49
CA GLN B 295 20.52 -7.95 -19.68
C GLN B 295 21.70 -8.91 -19.49
N VAL B 296 22.91 -8.34 -19.54
CA VAL B 296 24.10 -9.14 -19.38
C VAL B 296 24.60 -9.10 -17.96
N HIS B 297 25.44 -10.10 -17.67
CA HIS B 297 26.08 -10.17 -16.37
C HIS B 297 26.84 -8.85 -16.27
N HIS B 298 26.72 -8.16 -15.16
CA HIS B 298 27.42 -6.89 -15.11
C HIS B 298 26.76 -5.78 -15.97
N GLY B 299 25.50 -6.01 -16.29
CA GLY B 299 24.79 -5.02 -17.07
C GLY B 299 24.18 -3.87 -16.30
N GLY B 300 24.75 -3.50 -15.15
CA GLY B 300 24.21 -2.39 -14.38
C GLY B 300 24.97 -2.24 -13.07
N ILE B 301 24.91 -1.06 -12.42
CA ILE B 301 25.57 -0.84 -11.15
C ILE B 301 24.75 0.07 -10.21
N THR B 302 24.56 -0.36 -8.97
CA THR B 302 23.80 0.42 -8.01
C THR B 302 24.76 1.22 -7.16
N PHE B 303 24.26 2.22 -6.45
CA PHE B 303 25.03 2.99 -5.50
C PHE B 303 24.05 3.12 -4.33
N GLU B 304 23.87 2.08 -3.51
CA GLU B 304 22.86 2.21 -2.49
C GLU B 304 23.39 2.94 -1.28
N CYS B 305 23.05 4.18 -1.10
CA CYS B 305 23.60 4.90 0.00
C CYS B 305 22.80 4.59 1.24
N GLN B 306 23.47 4.21 2.33
CA GLN B 306 22.75 3.88 3.59
C GLN B 306 23.75 3.61 4.70
N VAL B 307 23.25 3.24 5.89
CA VAL B 307 24.15 2.80 6.92
C VAL B 307 24.44 1.38 6.43
N SER B 308 25.69 0.92 6.48
CA SER B 308 26.03 -0.43 5.99
C SER B 308 25.22 -1.53 6.69
N PRO B 309 24.83 -2.51 5.90
CA PRO B 309 24.20 -3.69 6.44
C PRO B 309 25.24 -4.39 7.37
N GLY B 310 24.82 -5.24 8.32
CA GLY B 310 25.75 -5.93 9.20
C GLY B 310 25.92 -5.24 10.53
N SER B 311 25.38 -4.05 10.76
CA SER B 311 25.63 -3.44 12.07
C SER B 311 25.13 -4.27 13.22
N GLU B 312 24.35 -5.31 12.91
CA GLU B 312 23.86 -6.09 14.01
C GLU B 312 25.08 -6.81 14.61
N GLN B 313 25.99 -7.18 13.70
CA GLN B 313 27.19 -7.87 14.03
C GLN B 313 28.37 -6.94 14.17
N ILE B 314 28.41 -5.88 13.40
CA ILE B 314 29.51 -4.95 13.45
C ILE B 314 29.08 -3.56 13.87
N PRO B 315 28.80 -3.51 15.12
CA PRO B 315 28.34 -2.30 15.79
C PRO B 315 29.04 -1.04 15.35
N GLU B 316 30.27 -1.18 14.88
CA GLU B 316 31.06 -0.07 14.41
C GLU B 316 30.47 0.60 13.15
N LEU B 317 29.68 -0.18 12.36
CA LEU B 317 29.04 0.34 11.13
C LEU B 317 28.05 1.46 11.39
N GLY B 318 27.41 1.43 12.56
CA GLY B 318 26.44 2.42 12.94
C GLY B 318 25.31 1.83 13.78
N ASP B 319 24.29 2.66 13.94
CA ASP B 319 23.07 2.40 14.70
C ASP B 319 21.87 2.83 13.87
N ILE B 320 21.04 1.84 13.48
CA ILE B 320 19.88 2.11 12.65
C ILE B 320 18.61 2.24 13.48
N SER B 321 18.77 2.23 14.76
CA SER B 321 17.58 2.34 15.52
C SER B 321 16.99 3.74 15.37
N LEU B 322 15.66 3.82 15.53
CA LEU B 322 14.90 5.05 15.41
C LEU B 322 13.97 5.13 16.59
N LYS B 323 14.14 6.15 17.42
CA LYS B 323 13.32 6.27 18.61
C LYS B 323 11.95 6.81 18.29
N ALA B 324 11.00 6.39 19.12
CA ALA B 324 9.66 6.90 18.94
C ALA B 324 9.67 8.43 18.99
N GLY B 325 8.94 9.03 18.06
CA GLY B 325 8.83 10.46 17.96
C GLY B 325 9.99 11.17 17.26
N GLU B 326 11.07 10.41 17.10
CA GLU B 326 12.24 11.01 16.50
C GLU B 326 12.12 11.00 14.98
N LYS B 327 12.48 12.15 14.40
CA LYS B 327 12.44 12.33 12.97
C LYS B 327 13.63 11.83 12.21
N TYR B 328 13.39 10.85 11.37
CA TYR B 328 14.49 10.39 10.56
C TYR B 328 14.54 11.21 9.28
N GLN B 329 15.75 11.40 8.79
CA GLN B 329 15.98 12.12 7.54
C GLN B 329 17.24 11.57 6.94
N ALA B 330 17.30 11.56 5.61
CA ALA B 330 18.46 11.11 4.83
C ALA B 330 18.33 11.78 3.51
N THR B 331 19.46 12.07 2.87
CA THR B 331 19.50 12.75 1.56
C THR B 331 20.60 12.18 0.71
N THR B 332 20.22 11.87 -0.50
CA THR B 332 21.12 11.32 -1.48
C THR B 332 20.84 12.04 -2.79
N ILE B 333 21.92 12.45 -3.46
CA ILE B 333 21.85 13.14 -4.69
C ILE B 333 22.73 12.56 -5.79
N TYR B 334 22.08 12.46 -6.93
CA TYR B 334 22.75 11.95 -8.09
C TYR B 334 22.76 13.08 -9.07
N SER B 335 23.93 13.56 -9.48
CA SER B 335 23.90 14.68 -10.41
C SER B 335 24.58 14.30 -11.70
N LEU B 336 24.00 14.79 -12.77
CA LEU B 336 24.51 14.45 -14.06
C LEU B 336 25.34 15.56 -14.61
N HIS B 337 26.40 15.20 -15.31
CA HIS B 337 27.29 16.16 -15.92
C HIS B 337 27.80 15.68 -17.24
N THR B 338 28.27 16.65 -18.00
CA THR B 338 28.81 16.36 -19.30
C THR B 338 30.21 16.91 -19.38
N LYS B 339 31.09 16.15 -20.04
CA LYS B 339 32.48 16.55 -20.21
C LYS B 339 33.10 17.04 -18.92
N LEU B 340 32.91 16.26 -17.86
CA LEU B 340 33.50 16.59 -16.56
C LEU B 340 34.99 16.23 -16.58
N GLU B 341 35.31 15.24 -17.42
CA GLU B 341 36.69 14.83 -17.49
C GLU B 341 36.90 14.18 -18.83
N HIS B 342 38.10 13.69 -19.06
CA HIS B 342 38.44 13.04 -20.31
C HIS B 342 38.36 11.56 -20.11
N HIS B 343 37.48 10.92 -20.80
CA HIS B 343 37.38 9.50 -20.59
C HIS B 343 37.20 8.89 -21.97
N HIS B 344 38.28 8.48 -22.54
CA HIS B 344 38.26 7.94 -23.88
C HIS B 344 38.99 6.63 -23.85
N HIS B 345 38.24 5.56 -23.70
CA HIS B 345 38.83 4.20 -23.61
C HIS B 345 38.22 3.21 -24.53
N HIS B 346 38.78 2.04 -24.55
CA HIS B 346 38.18 1.05 -25.37
C HIS B 346 38.29 -0.28 -24.71
N HIS B 347 37.30 -1.10 -24.98
CA HIS B 347 37.28 -2.39 -24.36
C HIS B 347 37.32 -3.42 -25.42
#